data_7A5Q
#
_entry.id   7A5Q
#
_cell.length_a   48.354
_cell.length_b   106.738
_cell.length_c   134.506
_cell.angle_alpha   90.000
_cell.angle_beta   90.000
_cell.angle_gamma   90.000
#
_symmetry.space_group_name_H-M   'P 21 21 21'
#
loop_
_entity.id
_entity.type
_entity.pdbx_description
1 polymer 'DctP family TRAP transporter solute-binding subunit'
2 non-polymer 'N-acetyl-beta-neuraminic acid'
3 non-polymer GLYCEROL
4 non-polymer 'TRIETHYLENE GLYCOL'
5 non-polymer beta-D-glucopyranose
6 water water
#
_entity_poly.entity_id   1
_entity_poly.type   'polypeptide(L)'
_entity_poly.pdbx_seq_one_letter_code
;ATTLKMGMQASVGSVEYNSAKMLADTLEEMSQGEIKLALYPSAQLGDDRAMLQQLTLGDLDITYAEFGRMGLWIPRAEAV
MLPYVAKDFDHLRRMFESDFGQGVRDEMLQKFNWRALDTWYNGTRETTSNRPLNSIEDFKGLKLRVPNAKQNLNYAKLSG
ASPTPMSFSEVYLALQTNAVDGQENPLPTIKTMKFYEVQKNLAMTHHIVNDQMVIISESTWQKLSDTDKDIIQKAVQKVG
DAHTQTVKTQEAELVSFFKSEGINVTYPDLEPFREAMQPLYKEFDSNIGQPIVSKLAAM
;
_entity_poly.pdbx_strand_id   A,B
#
loop_
_chem_comp.id
_chem_comp.type
_chem_comp.name
_chem_comp.formula
BGC D-saccharide, beta linking beta-D-glucopyranose 'C6 H12 O6'
GOL non-polymer GLYCEROL 'C3 H8 O3'
PGE non-polymer 'TRIETHYLENE GLYCOL' 'C6 H14 O4'
SLB D-saccharide, beta linking 'N-acetyl-beta-neuraminic acid' 'C11 H19 N O9'
#
# COMPACT_ATOMS: atom_id res chain seq x y z
N ALA A 1 -33.08 2.84 -28.69
CA ALA A 1 -31.80 2.27 -28.26
C ALA A 1 -30.68 3.31 -28.24
N THR A 2 -30.19 3.70 -27.05
CA THR A 2 -29.27 4.80 -26.96
C THR A 2 -27.89 4.18 -27.10
N THR A 3 -27.10 4.62 -28.07
CA THR A 3 -25.69 4.28 -28.09
C THR A 3 -24.82 5.42 -27.60
N LEU A 4 -24.08 5.17 -26.54
CA LEU A 4 -23.13 6.13 -26.00
C LEU A 4 -21.74 5.75 -26.50
N LYS A 5 -20.91 6.78 -26.69
CA LYS A 5 -19.53 6.58 -27.16
C LYS A 5 -18.57 6.86 -26.03
N MET A 6 -17.65 5.95 -25.81
CA MET A 6 -16.66 6.06 -24.75
C MET A 6 -15.26 5.86 -25.29
N GLY A 7 -14.38 6.82 -25.01
CA GLY A 7 -13.03 6.78 -25.53
C GLY A 7 -12.02 6.60 -24.40
N MET A 8 -10.86 6.02 -24.71
CA MET A 8 -9.79 5.81 -23.72
C MET A 8 -8.49 5.68 -24.48
N GLN A 9 -7.43 6.08 -23.81
CA GLN A 9 -6.10 5.87 -24.36
C GLN A 9 -5.66 4.42 -24.23
N ALA A 10 -6.15 3.75 -23.19
CA ALA A 10 -5.74 2.36 -22.94
C ALA A 10 -6.15 1.46 -24.11
N SER A 11 -5.43 0.37 -24.28
CA SER A 11 -5.66 -0.51 -25.41
C SER A 11 -6.47 -1.74 -25.00
N VAL A 12 -6.93 -2.49 -26.00
CA VAL A 12 -7.54 -3.79 -25.75
C VAL A 12 -6.56 -4.65 -24.98
N GLY A 13 -7.05 -5.35 -23.96
CA GLY A 13 -6.18 -6.11 -23.10
C GLY A 13 -5.80 -5.41 -21.80
N SER A 14 -5.94 -4.09 -21.74
CA SER A 14 -5.71 -3.37 -20.50
C SER A 14 -6.85 -3.55 -19.52
N VAL A 15 -6.58 -3.28 -18.24
CA VAL A 15 -7.66 -3.32 -17.28
CA VAL A 15 -7.64 -3.30 -17.25
C VAL A 15 -8.70 -2.25 -17.58
N GLU A 16 -8.28 -1.08 -18.11
CA GLU A 16 -9.23 -0.02 -18.41
C GLU A 16 -10.19 -0.44 -19.49
N TYR A 17 -9.66 -1.07 -20.54
CA TYR A 17 -10.54 -1.55 -21.61
C TYR A 17 -11.43 -2.68 -21.10
N ASN A 18 -10.87 -3.60 -20.31
CA ASN A 18 -11.67 -4.71 -19.82
C ASN A 18 -12.81 -4.22 -18.94
N SER A 19 -12.57 -3.19 -18.13
CA SER A 19 -13.66 -2.63 -17.33
C SER A 19 -14.70 -1.92 -18.19
N ALA A 20 -14.25 -1.20 -19.20
CA ALA A 20 -15.19 -0.56 -20.11
C ALA A 20 -16.05 -1.58 -20.83
N LYS A 21 -15.47 -2.70 -21.21
CA LYS A 21 -16.24 -3.74 -21.86
C LYS A 21 -17.21 -4.41 -20.90
N MET A 22 -16.81 -4.58 -19.64
CA MET A 22 -17.71 -5.10 -18.62
C MET A 22 -18.84 -4.14 -18.38
N LEU A 23 -18.53 -2.84 -18.41
CA LEU A 23 -19.55 -1.80 -18.27
C LEU A 23 -20.53 -1.85 -19.43
N ALA A 24 -20.01 -1.98 -20.65
CA ALA A 24 -20.89 -2.04 -21.81
C ALA A 24 -21.83 -3.23 -21.72
N ASP A 25 -21.31 -4.38 -21.29
CA ASP A 25 -22.13 -5.59 -21.17
C ASP A 25 -23.15 -5.45 -20.04
N THR A 26 -22.74 -4.89 -18.90
CA THR A 26 -23.67 -4.63 -17.80
C THR A 26 -24.78 -3.67 -18.22
N LEU A 27 -24.42 -2.58 -18.88
CA LEU A 27 -25.43 -1.64 -19.35
C LEU A 27 -26.40 -2.32 -20.30
N GLU A 28 -25.89 -3.06 -21.29
CA GLU A 28 -26.78 -3.72 -22.23
C GLU A 28 -27.70 -4.72 -21.54
N GLU A 29 -27.22 -5.39 -20.49
CA GLU A 29 -28.09 -6.37 -19.84
C GLU A 29 -29.09 -5.74 -18.87
N MET A 30 -28.64 -4.79 -18.05
CA MET A 30 -29.57 -4.11 -17.15
C MET A 30 -30.61 -3.30 -17.91
N SER A 31 -30.30 -2.87 -19.14
CA SER A 31 -31.21 -2.01 -19.95
C SER A 31 -32.01 -2.86 -20.92
N GLN A 32 -31.82 -4.17 -20.89
CA GLN A 32 -32.47 -5.05 -21.89
C GLN A 32 -32.21 -4.52 -23.30
N GLY A 33 -31.00 -4.05 -23.58
CA GLY A 33 -30.64 -3.64 -24.95
C GLY A 33 -30.87 -2.18 -25.27
N GLU A 34 -31.42 -1.42 -24.34
CA GLU A 34 -31.75 -0.01 -24.66
C GLU A 34 -30.52 0.89 -24.54
N ILE A 35 -29.55 0.52 -23.71
CA ILE A 35 -28.31 1.35 -23.62
C ILE A 35 -27.15 0.55 -24.21
N LYS A 36 -26.55 1.05 -25.29
CA LYS A 36 -25.36 0.36 -25.77
C LYS A 36 -24.16 1.29 -25.68
N LEU A 37 -22.99 0.71 -25.57
CA LEU A 37 -21.78 1.50 -25.40
C LEU A 37 -20.78 1.10 -26.48
N ALA A 38 -20.40 2.04 -27.34
CA ALA A 38 -19.35 1.83 -28.34
C ALA A 38 -18.02 2.31 -27.76
N LEU A 39 -16.99 1.48 -27.81
CA LEU A 39 -15.69 1.79 -27.22
C LEU A 39 -14.71 2.21 -28.30
N TYR A 40 -13.92 3.25 -27.99
CA TYR A 40 -12.90 3.77 -28.89
C TYR A 40 -11.57 3.76 -28.17
N PRO A 41 -10.87 2.58 -28.13
CA PRO A 41 -9.63 2.52 -27.35
C PRO A 41 -8.40 3.01 -28.07
N SER A 42 -7.24 2.80 -27.43
CA SER A 42 -5.91 3.01 -28.03
C SER A 42 -5.70 4.44 -28.49
N ALA A 43 -6.42 5.39 -27.91
CA ALA A 43 -6.19 6.82 -28.17
C ALA A 43 -6.48 7.15 -29.63
N GLN A 44 -7.38 6.38 -30.26
CA GLN A 44 -7.70 6.75 -31.63
C GLN A 44 -8.40 8.10 -31.73
N LEU A 45 -9.00 8.58 -30.65
CA LEU A 45 -9.63 9.90 -30.65
C LEU A 45 -8.72 11.00 -30.14
N GLY A 46 -7.49 10.67 -29.75
CA GLY A 46 -6.59 11.60 -29.09
C GLY A 46 -6.29 11.15 -27.69
N ASP A 47 -5.64 12.03 -26.93
CA ASP A 47 -5.27 11.65 -25.58
C ASP A 47 -6.41 11.98 -24.64
N ASP A 48 -6.16 11.86 -23.34
CA ASP A 48 -7.28 12.16 -22.42
C ASP A 48 -7.69 13.62 -22.48
N ARG A 49 -6.71 14.53 -22.64
CA ARG A 49 -7.04 15.94 -22.76
C ARG A 49 -8.02 16.15 -23.91
N ALA A 50 -7.71 15.57 -25.09
CA ALA A 50 -8.54 15.77 -26.28
C ALA A 50 -9.93 15.14 -26.09
N MET A 51 -9.98 13.97 -25.48
CA MET A 51 -11.25 13.34 -25.24
C MET A 51 -12.11 14.11 -24.25
N LEU A 52 -11.51 14.66 -23.19
CA LEU A 52 -12.27 15.48 -22.26
C LEU A 52 -12.86 16.65 -23.01
N GLN A 53 -12.09 17.24 -23.91
CA GLN A 53 -12.64 18.36 -24.66
C GLN A 53 -13.79 17.90 -25.56
N GLN A 54 -13.70 16.70 -26.11
CA GLN A 54 -14.81 16.17 -26.90
C GLN A 54 -16.07 15.97 -26.05
N LEU A 55 -15.93 15.61 -24.75
CA LEU A 55 -17.13 15.58 -23.90
C LEU A 55 -17.70 16.98 -23.73
N THR A 56 -16.83 17.98 -23.58
CA THR A 56 -17.33 19.34 -23.37
C THR A 56 -18.09 19.81 -24.58
N LEU A 57 -17.57 19.48 -25.76
CA LEU A 57 -18.14 19.99 -27.00
C LEU A 57 -19.28 19.14 -27.52
N GLY A 58 -19.41 17.91 -27.04
CA GLY A 58 -20.62 17.14 -27.33
C GLY A 58 -20.46 15.94 -28.24
N ASP A 59 -19.26 15.64 -28.77
CA ASP A 59 -19.16 14.54 -29.72
C ASP A 59 -18.58 13.28 -29.12
N LEU A 60 -18.29 13.26 -27.82
CA LEU A 60 -17.95 12.03 -27.12
C LEU A 60 -18.75 12.00 -25.82
N ASP A 61 -19.23 10.82 -25.39
CA ASP A 61 -20.14 10.80 -24.25
C ASP A 61 -19.41 10.50 -22.91
N ILE A 62 -18.49 9.56 -22.91
CA ILE A 62 -17.84 9.11 -21.67
C ILE A 62 -16.36 9.03 -21.90
N THR A 63 -15.57 9.36 -20.85
CA THR A 63 -14.17 9.02 -20.96
C THR A 63 -13.59 8.89 -19.55
N TYR A 64 -12.33 8.47 -19.50
CA TYR A 64 -11.58 8.36 -18.25
C TYR A 64 -10.70 9.59 -18.02
N ALA A 65 -10.54 9.98 -16.73
CA ALA A 65 -9.52 10.97 -16.40
C ALA A 65 -9.22 10.89 -14.92
N GLU A 66 -7.96 11.14 -14.56
CA GLU A 66 -7.63 11.28 -13.14
C GLU A 66 -8.17 12.56 -12.56
N PHE A 67 -8.53 12.51 -11.28
CA PHE A 67 -8.93 13.74 -10.59
C PHE A 67 -7.87 14.84 -10.76
N GLY A 68 -6.60 14.49 -10.54
CA GLY A 68 -5.57 15.51 -10.65
C GLY A 68 -5.42 16.09 -12.06
N ARG A 69 -5.86 15.36 -13.09
CA ARG A 69 -5.80 15.92 -14.47
C ARG A 69 -6.71 17.13 -14.65
N MET A 70 -7.74 17.26 -13.78
CA MET A 70 -8.60 18.44 -13.75
C MET A 70 -7.80 19.73 -13.52
N GLY A 71 -6.57 19.65 -13.00
CA GLY A 71 -5.77 20.83 -12.77
C GLY A 71 -5.37 21.58 -14.00
N LEU A 72 -5.41 20.95 -15.17
CA LEU A 72 -5.22 21.68 -16.41
C LEU A 72 -6.20 22.83 -16.52
N TRP A 73 -7.42 22.68 -15.98
CA TRP A 73 -8.46 23.68 -16.11
C TRP A 73 -8.88 24.28 -14.80
N ILE A 74 -8.64 23.57 -13.69
CA ILE A 74 -9.11 23.93 -12.37
C ILE A 74 -7.87 23.84 -11.50
N PRO A 75 -7.06 24.89 -11.46
CA PRO A 75 -5.68 24.76 -10.96
C PRO A 75 -5.55 24.13 -9.56
N ARG A 76 -6.48 24.35 -8.63
CA ARG A 76 -6.30 23.77 -7.32
C ARG A 76 -6.35 22.24 -7.37
N ALA A 77 -7.07 21.66 -8.35
CA ALA A 77 -7.19 20.20 -8.43
C ALA A 77 -5.83 19.54 -8.67
N GLU A 78 -4.90 20.27 -9.28
CA GLU A 78 -3.56 19.76 -9.62
C GLU A 78 -2.87 19.22 -8.39
N ALA A 79 -3.18 19.79 -7.23
CA ALA A 79 -2.45 19.41 -6.03
C ALA A 79 -2.63 17.93 -5.71
N VAL A 80 -3.74 17.31 -6.12
CA VAL A 80 -3.90 15.93 -5.69
C VAL A 80 -2.96 14.99 -6.45
N MET A 81 -2.34 15.43 -7.53
N MET A 81 -2.34 15.45 -7.54
CA MET A 81 -1.36 14.57 -8.18
CA MET A 81 -1.38 14.65 -8.31
C MET A 81 0.06 15.11 -8.06
C MET A 81 0.06 15.11 -8.06
N LEU A 82 0.30 16.06 -7.17
CA LEU A 82 1.67 16.41 -6.86
C LEU A 82 2.38 15.15 -6.36
N PRO A 83 3.63 14.90 -6.74
CA PRO A 83 4.28 13.66 -6.28
C PRO A 83 4.29 13.55 -4.77
N TYR A 84 3.95 12.33 -4.29
CA TYR A 84 4.00 11.91 -2.91
C TYR A 84 2.93 12.57 -2.02
N VAL A 85 2.03 13.36 -2.56
CA VAL A 85 1.00 13.95 -1.69
C VAL A 85 -0.10 12.93 -1.35
N ALA A 86 -0.70 12.30 -2.37
CA ALA A 86 -1.71 11.26 -2.12
C ALA A 86 -0.99 9.95 -1.78
N LYS A 87 -1.31 9.39 -0.61
CA LYS A 87 -0.56 8.25 -0.11
C LYS A 87 -1.07 6.91 -0.62
N ASP A 88 -2.35 6.80 -0.95
CA ASP A 88 -2.94 5.56 -1.48
C ASP A 88 -4.33 5.90 -2.02
N PHE A 89 -5.02 4.90 -2.55
CA PHE A 89 -6.30 5.19 -3.20
C PHE A 89 -7.34 5.68 -2.20
N ASP A 90 -7.41 5.09 -1.02
CA ASP A 90 -8.39 5.54 -0.03
C ASP A 90 -8.18 7.01 0.34
N HIS A 91 -6.92 7.43 0.46
CA HIS A 91 -6.62 8.85 0.66
C HIS A 91 -7.15 9.70 -0.50
N LEU A 92 -6.88 9.28 -1.72
CA LEU A 92 -7.35 10.03 -2.91
C LEU A 92 -8.88 10.11 -2.89
N ARG A 93 -9.55 9.04 -2.46
CA ARG A 93 -11.02 9.02 -2.42
C ARG A 93 -11.51 10.00 -1.34
N ARG A 94 -10.81 10.08 -0.23
CA ARG A 94 -11.18 11.08 0.78
C ARG A 94 -11.06 12.48 0.16
N MET A 95 -10.00 12.74 -0.60
CA MET A 95 -9.92 14.03 -1.28
C MET A 95 -11.09 14.24 -2.24
N PHE A 96 -11.44 13.21 -3.01
CA PHE A 96 -12.52 13.30 -4.00
C PHE A 96 -13.88 13.55 -3.33
N GLU A 97 -14.11 12.94 -2.18
CA GLU A 97 -15.41 13.07 -1.51
C GLU A 97 -15.50 14.27 -0.58
N SER A 98 -14.37 14.91 -0.27
CA SER A 98 -14.35 16.00 0.70
C SER A 98 -15.07 17.22 0.13
N ASP A 99 -15.26 18.23 0.98
CA ASP A 99 -15.76 19.51 0.46
C ASP A 99 -14.89 20.03 -0.68
N PHE A 100 -13.57 19.94 -0.53
CA PHE A 100 -12.66 20.34 -1.61
C PHE A 100 -12.98 19.59 -2.90
N GLY A 101 -13.14 18.27 -2.81
CA GLY A 101 -13.39 17.49 -4.02
C GLY A 101 -14.75 17.78 -4.61
N GLN A 102 -15.76 17.98 -3.76
CA GLN A 102 -17.09 18.35 -4.25
C GLN A 102 -17.03 19.68 -4.99
N GLY A 103 -16.24 20.64 -4.49
CA GLY A 103 -16.14 21.93 -5.16
C GLY A 103 -15.52 21.81 -6.54
N VAL A 104 -14.50 20.96 -6.67
CA VAL A 104 -13.91 20.70 -7.98
C VAL A 104 -14.92 20.01 -8.89
N ARG A 105 -15.58 18.99 -8.38
CA ARG A 105 -16.56 18.31 -9.21
C ARG A 105 -17.70 19.23 -9.63
N ASP A 106 -18.11 20.17 -8.76
CA ASP A 106 -19.13 21.12 -9.15
C ASP A 106 -18.62 22.05 -10.25
N GLU A 107 -17.37 22.49 -10.14
CA GLU A 107 -16.79 23.32 -11.18
C GLU A 107 -16.61 22.53 -12.46
N MET A 108 -16.22 21.25 -12.36
CA MET A 108 -16.15 20.45 -13.57
C MET A 108 -17.50 20.45 -14.27
N LEU A 109 -18.59 20.32 -13.51
CA LEU A 109 -19.90 20.22 -14.13
C LEU A 109 -20.31 21.54 -14.75
N GLN A 110 -20.27 22.61 -13.97
CA GLN A 110 -20.87 23.87 -14.38
C GLN A 110 -20.05 24.60 -15.43
N LYS A 111 -18.73 24.42 -15.46
CA LYS A 111 -17.91 25.14 -16.42
C LYS A 111 -17.48 24.30 -17.60
N PHE A 112 -17.36 22.99 -17.42
CA PHE A 112 -16.78 22.16 -18.45
C PHE A 112 -17.65 21.01 -18.91
N ASN A 113 -18.89 20.90 -18.43
CA ASN A 113 -19.84 19.90 -18.94
C ASN A 113 -19.38 18.49 -18.57
N TRP A 114 -18.61 18.36 -17.49
CA TRP A 114 -18.09 17.07 -17.04
C TRP A 114 -18.80 16.63 -15.78
N ARG A 115 -19.53 15.50 -15.85
CA ARG A 115 -20.09 14.87 -14.63
C ARG A 115 -19.24 13.67 -14.25
N ALA A 116 -18.61 13.75 -13.10
CA ALA A 116 -17.83 12.62 -12.59
C ALA A 116 -18.79 11.65 -11.90
N LEU A 117 -18.90 10.42 -12.44
CA LEU A 117 -19.85 9.47 -11.84
C LEU A 117 -19.24 8.68 -10.69
N ASP A 118 -17.92 8.56 -10.65
CA ASP A 118 -17.23 7.63 -9.77
C ASP A 118 -15.74 7.87 -10.04
N THR A 119 -14.92 7.36 -9.17
CA THR A 119 -13.50 7.23 -9.51
C THR A 119 -12.99 5.89 -9.00
N TRP A 120 -12.21 5.24 -9.85
CA TRP A 120 -11.71 3.89 -9.63
C TRP A 120 -10.21 3.98 -9.37
N TYR A 121 -9.62 2.92 -8.86
CA TYR A 121 -8.18 2.92 -8.66
C TYR A 121 -7.49 2.45 -9.92
N ASN A 122 -6.50 3.22 -10.44
CA ASN A 122 -5.80 2.73 -11.62
C ASN A 122 -4.34 2.43 -11.34
N GLY A 123 -3.94 2.43 -10.08
CA GLY A 123 -2.61 1.94 -9.78
C GLY A 123 -1.69 3.04 -9.29
N THR A 124 -0.64 2.62 -8.61
CA THR A 124 0.42 3.56 -8.20
C THR A 124 1.54 3.50 -9.22
N ARG A 125 2.00 4.65 -9.70
CA ARG A 125 3.05 4.68 -10.70
C ARG A 125 4.42 4.31 -10.10
N GLU A 126 5.18 3.54 -10.88
CA GLU A 126 6.52 3.07 -10.57
C GLU A 126 7.40 3.45 -11.75
N THR A 127 8.73 3.28 -11.60
CA THR A 127 9.66 3.81 -12.59
C THR A 127 10.48 2.68 -13.17
N THR A 128 10.41 2.50 -14.51
CA THR A 128 11.26 1.53 -15.18
C THR A 128 12.42 2.24 -15.86
N SER A 129 13.49 1.48 -16.10
CA SER A 129 14.65 2.16 -16.71
C SER A 129 15.61 1.11 -17.28
N ASN A 130 16.52 1.59 -18.14
CA ASN A 130 17.50 0.70 -18.75
C ASN A 130 18.80 0.58 -17.92
N ARG A 131 18.80 1.13 -16.70
CA ARG A 131 19.87 0.92 -15.73
C ARG A 131 19.23 1.00 -14.34
N PRO A 132 19.86 0.42 -13.31
CA PRO A 132 19.15 0.32 -12.01
C PRO A 132 19.02 1.68 -11.35
N LEU A 133 17.88 1.86 -10.73
CA LEU A 133 17.63 3.04 -9.88
C LEU A 133 17.57 2.58 -8.43
N ASN A 134 18.71 2.64 -7.76
CA ASN A 134 18.82 2.16 -6.39
C ASN A 134 18.53 3.26 -5.39
N SER A 135 18.63 4.51 -5.80
CA SER A 135 18.36 5.64 -4.92
C SER A 135 18.15 6.82 -5.81
N ILE A 136 17.64 7.89 -5.19
CA ILE A 136 17.44 9.13 -5.95
C ILE A 136 18.70 9.61 -6.67
N GLU A 137 19.90 9.34 -6.13
CA GLU A 137 21.12 9.81 -6.81
CA GLU A 137 21.14 9.78 -6.80
C GLU A 137 21.30 9.16 -8.19
N ASP A 138 20.68 8.00 -8.43
CA ASP A 138 20.82 7.38 -9.75
C ASP A 138 20.02 8.11 -10.81
N PHE A 139 19.13 9.04 -10.45
CA PHE A 139 18.22 9.57 -11.48
C PHE A 139 18.92 10.61 -12.32
N LYS A 140 20.08 11.09 -11.86
CA LYS A 140 20.73 12.25 -12.46
C LYS A 140 20.92 11.95 -13.94
N GLY A 141 20.33 12.82 -14.77
CA GLY A 141 20.43 12.71 -16.19
C GLY A 141 19.62 11.64 -16.88
N LEU A 142 18.89 10.79 -16.14
CA LEU A 142 18.07 9.76 -16.80
C LEU A 142 17.15 10.42 -17.79
N LYS A 143 17.11 9.91 -19.02
CA LYS A 143 16.14 10.45 -19.98
C LYS A 143 14.80 9.72 -19.74
N LEU A 144 13.98 10.29 -18.91
CA LEU A 144 12.80 9.63 -18.38
C LEU A 144 11.60 10.12 -19.16
N ARG A 145 10.98 9.24 -19.94
CA ARG A 145 9.74 9.70 -20.58
C ARG A 145 8.68 9.97 -19.53
N VAL A 146 7.90 11.04 -19.75
CA VAL A 146 6.73 11.36 -18.93
C VAL A 146 5.58 11.65 -19.89
N PRO A 147 4.34 11.49 -19.44
CA PRO A 147 3.22 11.98 -20.25
C PRO A 147 3.20 13.48 -20.28
N ASN A 148 2.28 14.02 -21.09
CA ASN A 148 2.15 15.48 -21.16
CA ASN A 148 2.19 15.48 -21.14
C ASN A 148 1.39 15.96 -19.93
N ALA A 149 2.07 15.94 -18.80
CA ALA A 149 1.42 16.14 -17.51
C ALA A 149 2.48 16.78 -16.63
N LYS A 150 2.19 17.96 -16.11
CA LYS A 150 3.21 18.73 -15.39
C LYS A 150 3.73 17.99 -14.17
N GLN A 151 2.85 17.32 -13.42
CA GLN A 151 3.37 16.75 -12.15
C GLN A 151 4.30 15.59 -12.41
N ASN A 152 4.02 14.79 -13.46
CA ASN A 152 4.95 13.73 -13.84
C ASN A 152 6.27 14.33 -14.28
N LEU A 153 6.21 15.39 -15.06
CA LEU A 153 7.45 16.08 -15.41
C LEU A 153 8.18 16.58 -14.16
N ASN A 154 7.46 17.14 -13.20
CA ASN A 154 8.12 17.65 -11.99
C ASN A 154 8.75 16.53 -11.19
N TYR A 155 8.05 15.40 -11.05
CA TYR A 155 8.69 14.26 -10.40
C TYR A 155 10.05 13.96 -11.01
N ALA A 156 10.09 13.90 -12.34
CA ALA A 156 11.33 13.55 -13.03
C ALA A 156 12.35 14.66 -12.84
N LYS A 157 11.94 15.88 -13.06
CA LYS A 157 12.89 17.02 -12.97
C LYS A 157 13.47 17.20 -11.56
N LEU A 158 12.64 17.16 -10.55
CA LEU A 158 13.13 17.46 -9.22
C LEU A 158 13.92 16.31 -8.64
N SER A 159 13.78 15.13 -9.24
CA SER A 159 14.62 13.98 -8.90
C SER A 159 15.97 14.05 -9.58
N GLY A 160 16.16 15.01 -10.52
CA GLY A 160 17.44 15.18 -11.22
C GLY A 160 17.47 14.50 -12.59
N ALA A 161 16.36 13.88 -12.99
CA ALA A 161 16.26 13.30 -14.30
C ALA A 161 15.95 14.38 -15.35
N SER A 162 16.00 13.98 -16.66
CA SER A 162 15.69 14.87 -17.79
C SER A 162 14.32 14.43 -18.29
N PRO A 163 13.24 15.13 -18.00
CA PRO A 163 11.94 14.65 -18.47
C PRO A 163 11.81 14.83 -19.96
N THR A 164 11.20 13.83 -20.60
CA THR A 164 10.93 13.90 -22.03
C THR A 164 9.45 13.65 -22.16
N PRO A 165 8.61 14.67 -22.36
CA PRO A 165 7.16 14.38 -22.55
C PRO A 165 6.89 13.76 -23.91
N MET A 166 6.06 12.69 -23.91
CA MET A 166 5.67 12.18 -25.21
C MET A 166 4.39 11.37 -25.03
N SER A 167 3.64 11.27 -26.09
N SER A 167 3.65 11.24 -26.10
CA SER A 167 2.36 10.54 -25.99
CA SER A 167 2.38 10.52 -26.02
C SER A 167 2.55 9.05 -25.65
C SER A 167 2.57 9.05 -25.64
N PHE A 168 1.57 8.53 -24.94
CA PHE A 168 1.55 7.14 -24.49
C PHE A 168 1.80 6.16 -25.64
N SER A 169 1.26 6.44 -26.83
CA SER A 169 1.36 5.49 -27.93
C SER A 169 2.79 5.37 -28.46
N GLU A 170 3.57 6.17 -28.11
CA GLU A 170 4.96 6.23 -28.65
C GLU A 170 5.96 5.66 -27.64
N VAL A 171 5.58 5.32 -26.48
CA VAL A 171 6.54 4.95 -25.43
C VAL A 171 7.29 3.67 -25.77
N TYR A 172 6.57 2.63 -26.20
CA TYR A 172 7.28 1.37 -26.40
C TYR A 172 8.41 1.54 -27.40
N LEU A 173 8.12 2.16 -28.54
CA LEU A 173 9.14 2.32 -29.56
C LEU A 173 10.29 3.19 -29.07
N ALA A 174 9.98 4.19 -28.26
CA ALA A 174 11.02 5.06 -27.71
C ALA A 174 11.93 4.28 -26.76
N LEU A 175 11.36 3.40 -25.93
CA LEU A 175 12.19 2.55 -25.06
C LEU A 175 13.02 1.56 -25.89
N GLN A 176 12.39 0.91 -26.88
CA GLN A 176 13.06 -0.12 -27.66
C GLN A 176 14.26 0.42 -28.45
N THR A 177 14.12 1.63 -28.99
CA THR A 177 15.19 2.27 -29.76
C THR A 177 16.13 3.10 -28.88
N ASN A 178 15.86 3.10 -27.58
CA ASN A 178 16.60 3.79 -26.55
C ASN A 178 16.71 5.30 -26.88
N ALA A 179 15.68 5.84 -27.52
CA ALA A 179 15.51 7.28 -27.59
C ALA A 179 15.29 7.88 -26.20
N VAL A 180 14.67 7.12 -25.28
CA VAL A 180 14.58 7.49 -23.89
C VAL A 180 15.08 6.30 -23.07
N ASP A 181 15.38 6.56 -21.80
CA ASP A 181 15.99 5.52 -20.93
C ASP A 181 14.96 4.80 -20.05
N GLY A 182 13.82 5.42 -19.80
CA GLY A 182 12.89 4.90 -18.80
C GLY A 182 11.55 5.58 -19.00
N GLN A 183 10.62 5.10 -18.21
CA GLN A 183 9.26 5.66 -18.18
C GLN A 183 8.69 5.39 -16.79
N GLU A 184 7.46 5.81 -16.58
CA GLU A 184 6.84 5.70 -15.27
C GLU A 184 5.34 5.46 -15.47
N ASN A 185 4.85 4.39 -14.85
CA ASN A 185 3.45 3.99 -15.00
C ASN A 185 3.08 2.95 -13.93
N PRO A 186 1.78 2.71 -13.59
CA PRO A 186 1.43 1.64 -12.69
C PRO A 186 1.83 0.28 -13.29
N LEU A 187 1.92 -0.71 -12.44
CA LEU A 187 2.40 -2.01 -12.91
C LEU A 187 1.46 -2.67 -13.90
N PRO A 188 0.13 -2.60 -13.76
CA PRO A 188 -0.72 -3.22 -14.78
C PRO A 188 -0.48 -2.65 -16.16
N THR A 189 -0.25 -1.33 -16.24
CA THR A 189 0.04 -0.67 -17.51
C THR A 189 1.37 -1.15 -18.06
N ILE A 190 2.41 -1.19 -17.21
CA ILE A 190 3.69 -1.73 -17.67
C ILE A 190 3.51 -3.14 -18.26
N LYS A 191 2.66 -3.96 -17.62
CA LYS A 191 2.46 -5.32 -18.12
C LYS A 191 1.70 -5.30 -19.45
N THR A 192 0.57 -4.59 -19.52
CA THR A 192 -0.23 -4.64 -20.74
C THR A 192 0.50 -4.05 -21.94
N MET A 193 1.22 -2.93 -21.73
CA MET A 193 1.92 -2.30 -22.83
C MET A 193 3.26 -3.00 -23.13
N LYS A 194 3.61 -4.05 -22.36
CA LYS A 194 4.83 -4.81 -22.58
C LYS A 194 6.08 -3.94 -22.41
N PHE A 195 6.03 -2.91 -21.57
CA PHE A 195 7.23 -2.12 -21.37
C PHE A 195 8.32 -2.91 -20.66
N TYR A 196 7.95 -3.97 -19.93
CA TYR A 196 8.97 -4.83 -19.33
C TYR A 196 9.76 -5.62 -20.36
N GLU A 197 9.28 -5.69 -21.59
CA GLU A 197 10.07 -6.35 -22.63
C GLU A 197 11.28 -5.51 -23.04
N VAL A 198 11.23 -4.21 -22.79
CA VAL A 198 12.26 -3.30 -23.27
C VAL A 198 12.80 -2.48 -22.12
N GLN A 199 12.58 -2.93 -20.88
CA GLN A 199 13.17 -2.29 -19.69
C GLN A 199 13.68 -3.35 -18.73
N LYS A 200 14.95 -3.29 -18.35
CA LYS A 200 15.56 -4.31 -17.50
C LYS A 200 15.32 -4.04 -16.00
N ASN A 201 14.94 -2.82 -15.63
CA ASN A 201 14.86 -2.47 -14.22
C ASN A 201 13.52 -1.84 -13.90
N LEU A 202 13.04 -2.09 -12.67
CA LEU A 202 11.82 -1.49 -12.17
C LEU A 202 12.11 -0.98 -10.77
N ALA A 203 11.83 0.30 -10.50
CA ALA A 203 12.08 0.90 -9.19
C ALA A 203 10.73 1.20 -8.54
N MET A 204 10.54 0.76 -7.30
CA MET A 204 9.27 1.04 -6.61
C MET A 204 9.30 2.45 -5.99
N THR A 205 9.09 3.45 -6.87
CA THR A 205 9.14 4.81 -6.41
C THR A 205 7.80 5.30 -5.86
N HIS A 206 6.69 4.64 -6.19
CA HIS A 206 5.35 4.98 -5.62
C HIS A 206 5.10 6.48 -5.64
N HIS A 207 5.42 7.14 -6.77
CA HIS A 207 5.48 8.59 -6.68
C HIS A 207 4.15 9.32 -6.96
N ILE A 208 3.23 8.73 -7.68
CA ILE A 208 1.89 9.29 -7.92
C ILE A 208 0.91 8.16 -7.92
N VAL A 209 -0.13 8.29 -7.12
CA VAL A 209 -1.25 7.35 -7.09
C VAL A 209 -2.26 7.82 -8.14
N ASN A 210 -2.59 6.99 -9.12
CA ASN A 210 -3.60 7.36 -10.13
C ASN A 210 -4.98 6.81 -9.73
N ASP A 211 -5.95 7.68 -9.61
CA ASP A 211 -7.32 7.23 -9.63
C ASP A 211 -7.75 7.20 -11.10
N GLN A 212 -9.04 7.15 -11.33
CA GLN A 212 -9.56 7.06 -12.70
C GLN A 212 -11.04 7.45 -12.59
N MET A 213 -11.33 8.73 -12.75
CA MET A 213 -12.74 9.11 -12.84
C MET A 213 -13.39 8.64 -14.10
N VAL A 214 -14.64 8.23 -13.95
CA VAL A 214 -15.48 7.92 -15.07
C VAL A 214 -16.35 9.15 -15.26
N ILE A 215 -16.19 9.81 -16.39
CA ILE A 215 -16.81 11.11 -16.64
C ILE A 215 -17.80 10.94 -17.78
N ILE A 216 -18.98 11.49 -17.61
CA ILE A 216 -19.97 11.55 -18.67
C ILE A 216 -20.26 13.01 -18.95
N SER A 217 -20.45 13.34 -20.22
CA SER A 217 -20.78 14.71 -20.57
CA SER A 217 -20.76 14.73 -20.53
C SER A 217 -22.12 15.08 -19.95
N GLU A 218 -22.22 16.30 -19.42
CA GLU A 218 -23.50 16.68 -18.83
C GLU A 218 -24.58 16.87 -19.90
N SER A 219 -24.19 17.24 -21.11
CA SER A 219 -25.21 17.36 -22.14
C SER A 219 -25.78 16.00 -22.50
N THR A 220 -24.97 14.95 -22.45
CA THR A 220 -25.50 13.61 -22.67
C THR A 220 -26.31 13.15 -21.48
N TRP A 221 -25.81 13.43 -20.27
CA TRP A 221 -26.52 13.04 -19.06
C TRP A 221 -27.94 13.57 -19.04
N GLN A 222 -28.11 14.84 -19.37
CA GLN A 222 -29.45 15.47 -19.29
C GLN A 222 -30.37 14.99 -20.42
N LYS A 223 -29.83 14.30 -21.41
CA LYS A 223 -30.69 13.73 -22.49
C LYS A 223 -31.07 12.29 -22.17
N LEU A 224 -30.47 11.71 -21.15
CA LEU A 224 -30.86 10.35 -20.76
C LEU A 224 -32.06 10.39 -19.80
N SER A 225 -32.91 9.38 -19.89
CA SER A 225 -33.97 9.26 -18.89
C SER A 225 -33.36 9.02 -17.50
N ASP A 226 -34.10 9.39 -16.46
CA ASP A 226 -33.56 9.19 -15.11
C ASP A 226 -33.43 7.71 -14.76
N THR A 227 -34.24 6.86 -15.38
CA THR A 227 -34.01 5.42 -15.28
C THR A 227 -32.64 5.04 -15.84
N ASP A 228 -32.33 5.51 -17.05
CA ASP A 228 -31.02 5.21 -17.64
C ASP A 228 -29.90 5.81 -16.79
N LYS A 229 -30.11 7.00 -16.23
CA LYS A 229 -29.12 7.58 -15.33
C LYS A 229 -28.83 6.63 -14.19
N ASP A 230 -29.89 6.06 -13.60
CA ASP A 230 -29.71 5.18 -12.46
C ASP A 230 -29.01 3.88 -12.85
N ILE A 231 -29.36 3.31 -14.01
CA ILE A 231 -28.68 2.11 -14.45
C ILE A 231 -27.18 2.38 -14.62
N ILE A 232 -26.85 3.51 -15.25
CA ILE A 232 -25.45 3.83 -15.53
C ILE A 232 -24.69 4.05 -14.23
N GLN A 233 -25.28 4.81 -13.29
CA GLN A 233 -24.61 5.05 -12.03
C GLN A 233 -24.37 3.73 -11.28
N LYS A 234 -25.36 2.85 -11.26
CA LYS A 234 -25.18 1.58 -10.56
C LYS A 234 -24.17 0.71 -11.27
N ALA A 235 -24.21 0.66 -12.61
CA ALA A 235 -23.25 -0.17 -13.34
C ALA A 235 -21.83 0.33 -13.15
N VAL A 236 -21.64 1.65 -13.22
CA VAL A 236 -20.31 2.23 -13.04
C VAL A 236 -19.76 1.89 -11.68
N GLN A 237 -20.60 1.94 -10.65
CA GLN A 237 -20.08 1.68 -9.33
C GLN A 237 -19.74 0.21 -9.16
N LYS A 238 -20.55 -0.68 -9.72
CA LYS A 238 -20.25 -2.10 -9.58
C LYS A 238 -19.00 -2.47 -10.35
N VAL A 239 -18.92 -2.04 -11.61
CA VAL A 239 -17.71 -2.28 -12.38
C VAL A 239 -16.50 -1.67 -11.66
N GLY A 240 -16.70 -0.50 -11.04
CA GLY A 240 -15.58 0.18 -10.38
C GLY A 240 -15.05 -0.64 -9.21
N ASP A 241 -15.94 -1.34 -8.50
CA ASP A 241 -15.42 -2.23 -7.45
C ASP A 241 -14.55 -3.32 -8.05
N ALA A 242 -14.97 -3.90 -9.18
CA ALA A 242 -14.19 -4.94 -9.83
C ALA A 242 -12.86 -4.38 -10.31
N HIS A 243 -12.91 -3.21 -10.95
CA HIS A 243 -11.69 -2.59 -11.49
C HIS A 243 -10.69 -2.32 -10.38
N THR A 244 -11.15 -1.68 -9.31
CA THR A 244 -10.25 -1.32 -8.21
C THR A 244 -9.65 -2.57 -7.59
N GLN A 245 -10.48 -3.59 -7.36
CA GLN A 245 -9.97 -4.82 -6.75
C GLN A 245 -8.98 -5.51 -7.69
N THR A 246 -9.27 -5.49 -8.99
CA THR A 246 -8.37 -6.12 -9.96
C THR A 246 -7.02 -5.43 -10.00
N VAL A 247 -7.05 -4.08 -10.03
CA VAL A 247 -5.78 -3.35 -10.03
C VAL A 247 -5.00 -3.64 -8.78
N LYS A 248 -5.68 -3.65 -7.62
CA LYS A 248 -4.99 -3.91 -6.36
C LYS A 248 -4.32 -5.28 -6.39
N THR A 249 -5.07 -6.30 -6.81
CA THR A 249 -4.54 -7.67 -6.90
C THR A 249 -3.37 -7.77 -7.88
N GLN A 250 -3.53 -7.15 -9.04
CA GLN A 250 -2.49 -7.27 -10.07
C GLN A 250 -1.20 -6.54 -9.63
N GLU A 251 -1.32 -5.36 -9.04
CA GLU A 251 -0.12 -4.59 -8.62
C GLU A 251 0.71 -5.46 -7.67
N ALA A 252 0.03 -6.24 -6.86
CA ALA A 252 0.72 -7.16 -5.96
C ALA A 252 1.37 -8.31 -6.71
N GLU A 253 0.66 -9.05 -7.56
CA GLU A 253 1.39 -10.22 -8.04
C GLU A 253 2.30 -9.86 -9.22
N LEU A 254 2.19 -8.66 -9.79
CA LEU A 254 3.03 -8.38 -10.96
C LEU A 254 4.50 -8.26 -10.58
N VAL A 255 4.84 -7.92 -9.34
CA VAL A 255 6.25 -7.88 -9.00
C VAL A 255 6.86 -9.26 -9.19
N SER A 256 6.14 -10.30 -8.74
CA SER A 256 6.60 -11.67 -8.93
C SER A 256 6.70 -12.02 -10.42
N PHE A 257 5.73 -11.57 -11.22
CA PHE A 257 5.80 -11.81 -12.66
C PHE A 257 7.03 -11.13 -13.28
N PHE A 258 7.26 -9.86 -12.95
CA PHE A 258 8.39 -9.17 -13.57
C PHE A 258 9.71 -9.81 -13.17
N LYS A 259 9.84 -10.21 -11.90
CA LYS A 259 11.05 -10.91 -11.50
C LYS A 259 11.21 -12.20 -12.29
N SER A 260 10.11 -12.94 -12.50
CA SER A 260 10.22 -14.18 -13.26
C SER A 260 10.63 -13.90 -14.71
N GLU A 261 10.43 -12.69 -15.21
CA GLU A 261 10.84 -12.29 -16.55
C GLU A 261 12.25 -11.70 -16.56
N GLY A 262 12.96 -11.75 -15.43
CA GLY A 262 14.32 -11.26 -15.39
C GLY A 262 14.47 -9.78 -15.09
N ILE A 263 13.41 -9.11 -14.67
CA ILE A 263 13.50 -7.69 -14.32
C ILE A 263 14.15 -7.54 -12.96
N ASN A 264 15.07 -6.59 -12.86
CA ASN A 264 15.70 -6.22 -11.57
C ASN A 264 14.77 -5.23 -10.86
N VAL A 265 14.25 -5.60 -9.69
CA VAL A 265 13.30 -4.75 -8.99
C VAL A 265 14.02 -4.13 -7.81
N THR A 266 14.00 -2.78 -7.76
CA THR A 266 14.63 -2.06 -6.66
C THR A 266 13.57 -1.32 -5.83
N TYR A 267 13.98 -1.03 -4.60
CA TYR A 267 13.13 -0.39 -3.58
C TYR A 267 13.92 0.78 -3.03
N PRO A 268 14.04 1.87 -3.76
CA PRO A 268 14.84 3.00 -3.25
C PRO A 268 14.16 3.60 -2.04
N ASP A 269 14.98 4.17 -1.17
CA ASP A 269 14.45 4.92 -0.03
C ASP A 269 13.64 6.08 -0.56
N LEU A 270 12.43 6.29 -0.04
CA LEU A 270 11.60 7.32 -0.65
C LEU A 270 11.67 8.65 0.06
N GLU A 271 12.17 8.67 1.29
CA GLU A 271 12.26 9.94 2.02
C GLU A 271 13.03 10.96 1.23
N PRO A 272 14.13 10.62 0.53
CA PRO A 272 14.83 11.65 -0.27
C PRO A 272 14.00 12.16 -1.42
N PHE A 273 13.10 11.33 -2.00
CA PHE A 273 12.21 11.79 -3.06
C PHE A 273 11.23 12.79 -2.50
N ARG A 274 10.66 12.50 -1.32
N ARG A 274 10.67 12.51 -1.31
CA ARG A 274 9.75 13.46 -0.71
CA ARG A 274 9.74 13.46 -0.71
C ARG A 274 10.48 14.76 -0.39
C ARG A 274 10.46 14.75 -0.33
N GLU A 275 11.67 14.68 0.22
CA GLU A 275 12.38 15.89 0.51
C GLU A 275 12.62 16.67 -0.80
N ALA A 276 12.92 15.96 -1.91
CA ALA A 276 13.20 16.70 -3.15
C ALA A 276 11.98 17.44 -3.68
N MET A 277 10.76 16.99 -3.32
CA MET A 277 9.53 17.66 -3.74
C MET A 277 9.16 18.90 -2.95
N GLN A 278 9.82 19.15 -1.80
CA GLN A 278 9.46 20.32 -0.99
C GLN A 278 9.44 21.67 -1.69
N PRO A 279 10.44 22.06 -2.50
CA PRO A 279 10.28 23.31 -3.23
C PRO A 279 9.06 23.33 -4.13
N LEU A 280 8.63 22.19 -4.64
CA LEU A 280 7.38 22.16 -5.42
C LEU A 280 6.16 22.35 -4.52
N TYR A 281 6.13 21.78 -3.33
CA TYR A 281 4.90 21.96 -2.53
C TYR A 281 4.77 23.43 -2.08
N LYS A 282 5.91 24.02 -1.79
CA LYS A 282 5.91 25.44 -1.37
C LYS A 282 5.56 26.33 -2.55
N GLU A 283 6.16 26.14 -3.73
CA GLU A 283 5.74 26.94 -4.90
C GLU A 283 4.23 26.86 -5.06
N PHE A 284 3.67 25.64 -4.98
CA PHE A 284 2.24 25.47 -5.23
C PHE A 284 1.43 26.20 -4.20
N ASP A 285 1.75 26.00 -2.92
CA ASP A 285 0.97 26.69 -1.89
C ASP A 285 1.11 28.19 -2.03
N SER A 286 2.33 28.69 -2.33
CA SER A 286 2.49 30.15 -2.36
C SER A 286 1.81 30.75 -3.57
N ASN A 287 1.80 30.02 -4.68
CA ASN A 287 1.20 30.54 -5.88
C ASN A 287 -0.31 30.64 -5.72
N ILE A 288 -0.93 29.63 -5.13
CA ILE A 288 -2.38 29.68 -4.94
C ILE A 288 -2.76 30.46 -3.69
N GLY A 289 -1.80 30.69 -2.79
CA GLY A 289 -2.09 31.55 -1.65
C GLY A 289 -2.71 30.86 -0.45
N GLN A 290 -2.60 29.53 -0.38
CA GLN A 290 -3.27 28.83 0.71
C GLN A 290 -2.66 27.45 0.86
N PRO A 291 -2.70 26.88 2.05
CA PRO A 291 -1.85 25.71 2.31
C PRO A 291 -2.49 24.41 1.84
N ILE A 292 -2.80 24.35 0.53
N ILE A 292 -2.79 24.36 0.53
CA ILE A 292 -3.54 23.21 0.00
CA ILE A 292 -3.54 23.23 -0.03
C ILE A 292 -2.77 21.91 0.15
C ILE A 292 -2.77 21.91 0.15
N VAL A 293 -1.46 21.92 -0.12
CA VAL A 293 -0.69 20.67 -0.04
C VAL A 293 -0.77 20.14 1.38
N SER A 294 -0.57 21.04 2.34
CA SER A 294 -0.57 20.68 3.74
C SER A 294 -1.88 20.02 4.14
N LYS A 295 -3.05 20.64 3.87
CA LYS A 295 -4.22 19.89 4.34
C LYS A 295 -4.57 18.74 3.43
N LEU A 296 -4.28 18.76 2.12
CA LEU A 296 -4.54 17.51 1.40
C LEU A 296 -3.72 16.38 2.01
N ALA A 297 -2.45 16.64 2.31
CA ALA A 297 -1.59 15.57 2.81
C ALA A 297 -2.07 15.04 4.16
N ALA A 298 -2.85 15.82 4.90
CA ALA A 298 -3.38 15.40 6.19
C ALA A 298 -4.81 14.87 6.16
N MET A 299 -5.48 14.89 5.01
CA MET A 299 -6.86 14.36 4.96
C MET A 299 -6.91 12.85 5.08
N ALA B 1 -23.31 -23.15 17.44
CA ALA B 1 -23.20 -22.44 18.71
C ALA B 1 -21.76 -22.62 19.20
N THR B 2 -20.85 -22.80 18.24
CA THR B 2 -19.43 -22.94 18.52
C THR B 2 -18.84 -21.58 18.88
N THR B 3 -18.20 -21.49 20.03
CA THR B 3 -17.48 -20.29 20.42
C THR B 3 -15.97 -20.56 20.34
N LEU B 4 -15.29 -19.81 19.51
CA LEU B 4 -13.84 -19.90 19.41
C LEU B 4 -13.25 -18.82 20.29
N LYS B 5 -12.09 -19.11 20.95
CA LYS B 5 -11.41 -18.09 21.72
C LYS B 5 -10.21 -17.55 20.96
N MET B 6 -10.09 -16.24 20.91
CA MET B 6 -8.98 -15.58 20.23
C MET B 6 -8.24 -14.64 21.17
N GLY B 7 -6.89 -14.76 21.24
CA GLY B 7 -6.13 -13.97 22.17
C GLY B 7 -5.21 -13.03 21.40
N MET B 8 -4.87 -11.94 22.04
CA MET B 8 -3.98 -10.95 21.41
C MET B 8 -3.33 -10.10 22.49
N GLN B 9 -2.07 -9.71 22.21
CA GLN B 9 -1.47 -8.70 23.09
C GLN B 9 -2.06 -7.30 22.93
N ALA B 10 -2.60 -6.98 21.75
CA ALA B 10 -3.08 -5.64 21.48
C ALA B 10 -4.28 -5.33 22.36
N SER B 11 -4.49 -4.05 22.65
CA SER B 11 -5.56 -3.69 23.56
C SER B 11 -6.78 -3.21 22.77
N VAL B 12 -7.90 -3.08 23.47
CA VAL B 12 -9.10 -2.48 22.88
C VAL B 12 -8.75 -1.10 22.36
N GLY B 13 -9.21 -0.79 21.17
CA GLY B 13 -8.80 0.46 20.55
C GLY B 13 -7.67 0.37 19.56
N SER B 14 -6.92 -0.72 19.56
CA SER B 14 -5.90 -0.98 18.53
C SER B 14 -6.55 -1.42 17.22
N VAL B 15 -5.77 -1.34 16.14
CA VAL B 15 -6.24 -1.88 14.87
C VAL B 15 -6.43 -3.39 14.95
N GLU B 16 -5.52 -4.11 15.62
CA GLU B 16 -5.67 -5.57 15.79
C GLU B 16 -6.99 -5.97 16.47
N TYR B 17 -7.30 -5.32 17.57
CA TYR B 17 -8.57 -5.55 18.26
C TYR B 17 -9.75 -5.16 17.37
N ASN B 18 -9.71 -3.96 16.77
CA ASN B 18 -10.85 -3.62 15.92
C ASN B 18 -11.06 -4.68 14.84
N SER B 19 -9.97 -5.16 14.23
CA SER B 19 -10.07 -6.20 13.20
C SER B 19 -10.65 -7.51 13.73
N ALA B 20 -10.19 -7.93 14.91
CA ALA B 20 -10.77 -9.06 15.61
C ALA B 20 -12.26 -8.88 15.88
N LYS B 21 -12.68 -7.71 16.33
CA LYS B 21 -14.12 -7.50 16.57
C LYS B 21 -14.92 -7.49 15.25
N MET B 22 -14.39 -6.83 14.24
CA MET B 22 -14.93 -6.97 12.89
C MET B 22 -15.04 -8.43 12.47
N LEU B 23 -13.97 -9.23 12.74
CA LEU B 23 -14.00 -10.62 12.35
C LEU B 23 -15.07 -11.37 13.14
N ALA B 24 -15.17 -11.07 14.44
CA ALA B 24 -16.20 -11.71 15.27
C ALA B 24 -17.60 -11.42 14.74
N ASP B 25 -17.84 -10.17 14.40
CA ASP B 25 -19.13 -9.77 13.87
C ASP B 25 -19.43 -10.49 12.57
N THR B 26 -18.47 -10.48 11.63
CA THR B 26 -18.65 -11.10 10.32
C THR B 26 -18.92 -12.60 10.46
N LEU B 27 -18.18 -13.27 11.34
CA LEU B 27 -18.43 -14.69 11.61
C LEU B 27 -19.86 -14.88 12.07
N GLU B 28 -20.29 -14.06 13.03
CA GLU B 28 -21.62 -14.28 13.59
C GLU B 28 -22.73 -14.00 12.59
N GLU B 29 -22.54 -13.02 11.72
CA GLU B 29 -23.52 -12.71 10.69
C GLU B 29 -23.48 -13.71 9.53
N MET B 30 -22.27 -14.13 9.07
CA MET B 30 -22.19 -15.12 7.99
C MET B 30 -22.70 -16.48 8.47
N SER B 31 -22.54 -16.79 9.75
CA SER B 31 -22.94 -18.09 10.27
C SER B 31 -24.33 -18.08 10.88
N GLN B 32 -25.09 -17.00 10.66
CA GLN B 32 -26.34 -16.71 11.38
C GLN B 32 -26.27 -17.19 12.83
N GLY B 33 -25.16 -16.85 13.49
CA GLY B 33 -24.98 -17.10 14.91
C GLY B 33 -24.40 -18.45 15.28
N GLU B 34 -24.06 -19.34 14.28
CA GLU B 34 -23.56 -20.65 14.62
C GLU B 34 -22.17 -20.45 15.31
N ILE B 35 -21.37 -19.50 14.76
CA ILE B 35 -19.96 -19.31 15.11
C ILE B 35 -19.82 -18.03 15.89
N LYS B 36 -19.27 -18.11 17.11
CA LYS B 36 -19.04 -16.92 17.93
C LYS B 36 -17.59 -16.87 18.29
N LEU B 37 -17.08 -15.66 18.40
CA LEU B 37 -15.67 -15.43 18.70
C LEU B 37 -15.55 -14.60 19.94
N ALA B 38 -14.94 -15.17 20.99
CA ALA B 38 -14.65 -14.48 22.24
C ALA B 38 -13.22 -13.96 22.18
N LEU B 39 -13.02 -12.69 22.50
CA LEU B 39 -11.73 -12.02 22.38
C LEU B 39 -11.10 -11.87 23.77
N TYR B 40 -9.79 -12.09 23.83
CA TYR B 40 -9.02 -11.95 25.05
C TYR B 40 -7.87 -11.00 24.71
N PRO B 41 -8.09 -9.70 24.79
CA PRO B 41 -7.05 -8.73 24.47
C PRO B 41 -6.12 -8.39 25.61
N SER B 42 -5.23 -7.44 25.32
CA SER B 42 -4.34 -6.80 26.30
C SER B 42 -3.41 -7.76 26.95
N ALA B 43 -3.12 -8.89 26.30
CA ALA B 43 -2.13 -9.87 26.78
C ALA B 43 -2.56 -10.50 28.11
N GLN B 44 -3.86 -10.52 28.35
CA GLN B 44 -4.32 -11.15 29.59
C GLN B 44 -3.99 -12.65 29.62
N LEU B 45 -3.76 -13.27 28.47
CA LEU B 45 -3.37 -14.68 28.45
C LEU B 45 -1.86 -14.90 28.37
N GLY B 46 -1.09 -13.83 28.31
CA GLY B 46 0.34 -13.89 28.05
C GLY B 46 0.69 -13.11 26.80
N ASP B 47 1.96 -13.26 26.37
CA ASP B 47 2.43 -12.63 25.14
C ASP B 47 2.11 -13.55 23.99
N ASP B 48 2.57 -13.18 22.80
CA ASP B 48 2.27 -13.99 21.63
C ASP B 48 2.88 -15.38 21.74
N ARG B 49 4.10 -15.47 22.29
CA ARG B 49 4.72 -16.78 22.48
C ARG B 49 3.85 -17.68 23.34
N ALA B 50 3.35 -17.16 24.46
CA ALA B 50 2.50 -17.99 25.32
C ALA B 50 1.20 -18.38 24.61
N MET B 51 0.63 -17.45 23.82
CA MET B 51 -0.66 -17.73 23.20
C MET B 51 -0.49 -18.73 22.07
N LEU B 52 0.63 -18.66 21.33
CA LEU B 52 0.92 -19.67 20.33
C LEU B 52 1.01 -21.04 20.98
N GLN B 53 1.68 -21.11 22.11
CA GLN B 53 1.75 -22.39 22.80
C GLN B 53 0.37 -22.85 23.26
N GLN B 54 -0.51 -21.94 23.69
CA GLN B 54 -1.86 -22.37 24.05
C GLN B 54 -2.63 -22.91 22.83
N LEU B 55 -2.37 -22.40 21.61
CA LEU B 55 -2.96 -23.04 20.44
C LEU B 55 -2.46 -24.47 20.28
N THR B 56 -1.16 -24.66 20.46
CA THR B 56 -0.57 -25.98 20.27
C THR B 56 -1.16 -26.95 21.24
N LEU B 57 -1.33 -26.50 22.49
CA LEU B 57 -1.85 -27.34 23.54
C LEU B 57 -3.36 -27.43 23.56
N GLY B 58 -4.07 -26.59 22.81
CA GLY B 58 -5.49 -26.76 22.69
C GLY B 58 -6.38 -25.96 23.60
N ASP B 59 -5.88 -25.00 24.37
N ASP B 59 -5.83 -24.99 24.32
CA ASP B 59 -6.81 -24.19 25.16
CA ASP B 59 -6.56 -24.12 25.22
C ASP B 59 -7.00 -22.79 24.59
C ASP B 59 -7.03 -22.84 24.55
N LEU B 60 -6.42 -22.48 23.43
CA LEU B 60 -6.77 -21.24 22.73
C LEU B 60 -6.98 -21.63 21.28
N ASP B 61 -7.94 -20.98 20.61
CA ASP B 61 -8.25 -21.37 19.24
C ASP B 61 -7.52 -20.51 18.18
N ILE B 62 -7.45 -19.19 18.34
CA ILE B 62 -6.90 -18.31 17.30
C ILE B 62 -5.92 -17.35 17.97
N THR B 63 -4.84 -16.99 17.28
CA THR B 63 -4.11 -15.82 17.77
C THR B 63 -3.37 -15.19 16.62
N TYR B 64 -2.71 -14.08 16.91
CA TYR B 64 -1.89 -13.39 15.91
C TYR B 64 -0.39 -13.71 16.11
N ALA B 65 0.34 -13.78 14.99
CA ALA B 65 1.78 -13.79 15.09
C ALA B 65 2.38 -13.34 13.78
N GLU B 66 3.50 -12.64 13.85
CA GLU B 66 4.32 -12.43 12.66
C GLU B 66 4.93 -13.71 12.12
N PHE B 67 5.08 -13.76 10.79
CA PHE B 67 5.77 -14.89 10.15
C PHE B 67 7.15 -15.09 10.75
N GLY B 68 7.88 -13.99 10.93
CA GLY B 68 9.24 -14.09 11.47
C GLY B 68 9.29 -14.62 12.89
N ARG B 69 8.18 -14.46 13.64
CA ARG B 69 8.13 -14.96 15.01
C ARG B 69 8.22 -16.49 15.05
N MET B 70 7.92 -17.16 13.94
CA MET B 70 8.02 -18.61 13.83
C MET B 70 9.46 -19.07 14.01
N GLY B 71 10.42 -18.15 13.82
CA GLY B 71 11.84 -18.42 14.00
C GLY B 71 12.21 -18.94 15.37
N LEU B 72 11.39 -18.64 16.38
CA LEU B 72 11.65 -19.22 17.70
C LEU B 72 11.67 -20.73 17.62
N TRP B 73 10.86 -21.30 16.73
CA TRP B 73 10.69 -22.75 16.67
C TRP B 73 11.18 -23.35 15.38
N ILE B 74 11.25 -22.56 14.31
CA ILE B 74 11.59 -23.02 12.98
C ILE B 74 12.66 -22.02 12.55
N PRO B 75 13.94 -22.30 12.80
CA PRO B 75 14.93 -21.23 12.76
C PRO B 75 15.02 -20.49 11.43
N ARG B 76 14.86 -21.19 10.30
CA ARG B 76 15.01 -20.47 9.05
C ARG B 76 13.97 -19.36 8.89
N ALA B 77 12.81 -19.47 9.57
CA ALA B 77 11.78 -18.45 9.40
C ALA B 77 12.21 -17.09 9.98
N GLU B 78 13.12 -17.11 10.96
CA GLU B 78 13.64 -15.91 11.60
C GLU B 78 14.16 -14.92 10.57
N ALA B 79 14.64 -15.43 9.43
CA ALA B 79 15.29 -14.53 8.46
C ALA B 79 14.33 -13.51 7.90
N VAL B 80 13.02 -13.78 7.91
CA VAL B 80 12.16 -12.77 7.30
C VAL B 80 12.00 -11.53 8.17
N MET B 81 12.38 -11.59 9.45
CA MET B 81 12.34 -10.44 10.35
CA MET B 81 12.34 -10.37 10.26
C MET B 81 13.73 -9.84 10.60
N LEU B 82 14.77 -10.32 9.91
CA LEU B 82 16.07 -9.66 10.07
C LEU B 82 15.88 -8.21 9.67
N PRO B 83 16.47 -7.27 10.40
CA PRO B 83 16.26 -5.85 10.03
C PRO B 83 16.65 -5.62 8.58
N TYR B 84 15.80 -4.85 7.89
CA TYR B 84 15.96 -4.35 6.52
C TYR B 84 15.93 -5.42 5.44
N VAL B 85 15.62 -6.69 5.76
CA VAL B 85 15.55 -7.71 4.70
C VAL B 85 14.23 -7.62 3.95
N ALA B 86 13.08 -7.63 4.66
CA ALA B 86 11.80 -7.46 3.94
C ALA B 86 11.54 -5.99 3.67
N LYS B 87 11.33 -5.66 2.37
CA LYS B 87 11.29 -4.25 1.98
C LYS B 87 9.92 -3.64 2.28
N ASP B 88 8.87 -4.40 2.06
CA ASP B 88 7.52 -3.88 2.28
C ASP B 88 6.59 -5.07 2.46
N PHE B 89 5.32 -4.80 2.69
CA PHE B 89 4.42 -5.90 2.96
C PHE B 89 4.28 -6.83 1.75
N ASP B 90 4.22 -6.28 0.53
CA ASP B 90 4.10 -7.17 -0.64
C ASP B 90 5.30 -8.11 -0.73
N HIS B 91 6.49 -7.60 -0.40
CA HIS B 91 7.65 -8.47 -0.39
C HIS B 91 7.49 -9.56 0.65
N LEU B 92 7.03 -9.20 1.84
CA LEU B 92 6.86 -10.19 2.88
C LEU B 92 5.79 -11.22 2.47
N ARG B 93 4.72 -10.79 1.79
CA ARG B 93 3.76 -11.76 1.28
C ARG B 93 4.39 -12.70 0.29
N ARG B 94 5.29 -12.19 -0.56
CA ARG B 94 5.92 -13.08 -1.54
C ARG B 94 6.77 -14.13 -0.82
N MET B 95 7.44 -13.74 0.28
CA MET B 95 8.14 -14.74 1.09
C MET B 95 7.16 -15.77 1.68
N PHE B 96 6.01 -15.32 2.18
CA PHE B 96 5.02 -16.18 2.82
C PHE B 96 4.39 -17.16 1.81
N GLU B 97 4.15 -16.72 0.58
CA GLU B 97 3.52 -17.55 -0.45
C GLU B 97 4.54 -18.38 -1.21
N SER B 98 5.83 -18.11 -1.05
CA SER B 98 6.82 -18.83 -1.84
C SER B 98 6.94 -20.29 -1.37
N ASP B 99 7.70 -21.09 -2.10
CA ASP B 99 8.01 -22.44 -1.66
C ASP B 99 8.61 -22.42 -0.27
N PHE B 100 9.53 -21.50 0.00
CA PHE B 100 10.10 -21.31 1.34
C PHE B 100 9.00 -21.08 2.37
N GLY B 101 8.07 -20.18 2.09
CA GLY B 101 7.01 -19.91 3.05
C GLY B 101 6.06 -21.09 3.22
N GLN B 102 5.75 -21.77 2.13
CA GLN B 102 4.90 -22.96 2.22
C GLN B 102 5.55 -24.01 3.09
N GLY B 103 6.89 -24.19 2.99
CA GLY B 103 7.53 -25.22 3.81
C GLY B 103 7.54 -24.85 5.29
N VAL B 104 7.69 -23.55 5.59
CA VAL B 104 7.53 -23.12 6.98
C VAL B 104 6.09 -23.34 7.44
N ARG B 105 5.12 -22.88 6.65
CA ARG B 105 3.72 -23.08 7.04
C ARG B 105 3.36 -24.56 7.22
N ASP B 106 3.94 -25.44 6.37
CA ASP B 106 3.72 -26.88 6.54
C ASP B 106 4.32 -27.39 7.85
N GLU B 107 5.53 -26.94 8.18
CA GLU B 107 6.14 -27.31 9.45
C GLU B 107 5.34 -26.74 10.63
N MET B 108 4.84 -25.51 10.51
CA MET B 108 4.06 -24.90 11.61
C MET B 108 2.92 -25.83 11.89
N LEU B 109 2.33 -26.41 10.82
N LEU B 109 2.33 -26.41 10.82
CA LEU B 109 1.14 -27.30 10.97
CA LEU B 109 1.15 -27.29 10.95
C LEU B 109 1.57 -28.68 11.50
C LEU B 109 1.56 -28.68 11.49
N GLN B 110 2.29 -29.47 10.69
CA GLN B 110 2.81 -30.79 11.16
C GLN B 110 3.41 -30.85 12.55
N LYS B 111 4.16 -29.83 12.95
CA LYS B 111 4.90 -29.96 14.20
C LYS B 111 4.28 -29.19 15.34
N PHE B 112 3.58 -28.10 15.07
CA PHE B 112 3.14 -27.22 16.13
C PHE B 112 1.64 -26.98 16.19
N ASN B 113 0.84 -27.63 15.34
CA ASN B 113 -0.63 -27.51 15.40
C ASN B 113 -1.07 -26.09 15.03
N TRP B 114 -0.29 -25.38 14.20
CA TRP B 114 -0.63 -24.02 13.79
C TRP B 114 -0.99 -23.97 12.32
N ARG B 115 -2.20 -23.47 12.03
CA ARG B 115 -2.65 -23.28 10.67
C ARG B 115 -2.71 -21.80 10.37
N ALA B 116 -1.83 -21.34 9.51
CA ALA B 116 -1.81 -19.92 9.14
C ALA B 116 -2.91 -19.73 8.10
N LEU B 117 -3.95 -18.97 8.45
CA LEU B 117 -5.05 -18.75 7.53
C LEU B 117 -4.76 -17.64 6.52
N ASP B 118 -3.95 -16.66 6.91
CA ASP B 118 -3.76 -15.42 6.16
C ASP B 118 -2.63 -14.68 6.86
N THR B 119 -2.14 -13.65 6.20
CA THR B 119 -1.28 -12.74 6.92
C THR B 119 -1.61 -11.32 6.49
N TRP B 120 -1.76 -10.45 7.48
CA TRP B 120 -2.15 -9.06 7.32
C TRP B 120 -1.00 -8.08 7.62
N TYR B 121 -1.11 -6.91 7.08
CA TYR B 121 -0.01 -5.96 7.31
C TYR B 121 -0.21 -5.31 8.63
N ASN B 122 0.79 -5.37 9.54
CA ASN B 122 0.60 -4.62 10.79
C ASN B 122 1.53 -3.42 10.92
N GLY B 123 2.18 -3.01 9.85
CA GLY B 123 2.89 -1.75 9.91
C GLY B 123 4.39 -1.96 9.90
N THR B 124 5.08 -0.91 9.53
CA THR B 124 6.55 -0.89 9.58
C THR B 124 7.07 -0.24 10.84
N ARG B 125 7.99 -0.91 11.53
CA ARG B 125 8.46 -0.38 12.82
C ARG B 125 9.37 0.86 12.68
N GLU B 126 9.15 1.84 13.55
CA GLU B 126 9.90 3.11 13.64
C GLU B 126 10.35 3.24 15.05
N THR B 127 11.27 4.15 15.29
CA THR B 127 11.96 4.29 16.57
C THR B 127 11.61 5.60 17.27
N THR B 128 11.03 5.51 18.49
CA THR B 128 10.83 6.73 19.29
C THR B 128 11.92 6.87 20.35
N SER B 129 12.08 8.10 20.86
CA SER B 129 13.14 8.25 21.84
C SER B 129 12.97 9.57 22.57
N ASN B 130 13.66 9.69 23.72
CA ASN B 130 13.63 10.90 24.54
C ASN B 130 14.71 11.90 24.11
N ARG B 131 15.40 11.63 23.01
CA ARG B 131 16.32 12.60 22.44
C ARG B 131 16.36 12.33 20.94
N PRO B 132 16.71 13.30 20.14
CA PRO B 132 16.62 13.10 18.69
C PRO B 132 17.54 11.99 18.17
N LEU B 133 17.06 11.30 17.13
CA LEU B 133 17.89 10.32 16.40
C LEU B 133 17.99 10.82 14.94
N ASN B 134 19.08 11.60 14.65
CA ASN B 134 19.25 12.14 13.34
C ASN B 134 20.06 11.24 12.46
N SER B 135 20.82 10.33 13.03
CA SER B 135 21.64 9.41 12.28
C SER B 135 21.92 8.21 13.17
N ILE B 136 22.47 7.16 12.55
CA ILE B 136 22.86 5.99 13.34
C ILE B 136 23.82 6.37 14.48
N GLU B 137 24.61 7.44 14.30
CA GLU B 137 25.57 7.81 15.35
C GLU B 137 24.88 8.18 16.66
N ASP B 138 23.64 8.67 16.58
CA ASP B 138 22.94 9.04 17.81
C ASP B 138 22.51 7.84 18.61
N PHE B 139 22.60 6.62 18.03
CA PHE B 139 22.06 5.49 18.78
C PHE B 139 23.00 5.01 19.85
N LYS B 140 24.24 5.42 19.81
CA LYS B 140 25.20 4.97 20.79
C LYS B 140 24.70 5.10 22.23
N GLY B 141 24.55 3.96 22.92
CA GLY B 141 24.14 3.89 24.31
C GLY B 141 22.67 4.14 24.59
N LEU B 142 21.86 4.43 23.58
CA LEU B 142 20.44 4.65 23.85
C LEU B 142 19.88 3.42 24.53
N LYS B 143 19.19 3.61 25.65
CA LYS B 143 18.53 2.47 26.31
C LYS B 143 17.22 2.25 25.57
N LEU B 144 17.25 1.34 24.58
CA LEU B 144 16.13 1.17 23.67
C LEU B 144 15.37 -0.10 24.07
N ARG B 145 14.12 0.07 24.54
CA ARG B 145 13.31 -1.13 24.79
C ARG B 145 13.07 -1.88 23.50
N VAL B 146 13.12 -3.20 23.59
CA VAL B 146 12.73 -4.09 22.50
C VAL B 146 11.79 -5.14 23.09
N PRO B 147 10.97 -5.75 22.26
CA PRO B 147 10.25 -6.94 22.76
C PRO B 147 11.20 -8.06 23.00
N ASN B 148 10.64 -9.16 23.49
CA ASN B 148 11.47 -10.35 23.71
C ASN B 148 11.62 -11.07 22.38
N ALA B 149 12.46 -10.51 21.51
CA ALA B 149 12.54 -10.92 20.10
C ALA B 149 13.97 -10.63 19.65
N LYS B 150 14.66 -11.67 19.18
CA LYS B 150 16.09 -11.52 18.89
C LYS B 150 16.34 -10.50 17.80
N GLN B 151 15.48 -10.43 16.77
CA GLN B 151 15.88 -9.53 15.68
C GLN B 151 15.70 -8.06 16.07
N ASN B 152 14.70 -7.76 16.90
CA ASN B 152 14.57 -6.38 17.39
C ASN B 152 15.76 -6.05 18.28
N LEU B 153 16.13 -6.98 19.13
CA LEU B 153 17.34 -6.81 19.94
C LEU B 153 18.56 -6.57 19.04
N ASN B 154 18.72 -7.37 17.97
CA ASN B 154 19.88 -7.19 17.08
C ASN B 154 19.86 -5.84 16.39
N TYR B 155 18.67 -5.38 15.95
CA TYR B 155 18.58 -4.02 15.38
C TYR B 155 19.13 -2.98 16.35
N ALA B 156 18.69 -3.05 17.60
CA ALA B 156 19.20 -2.09 18.58
C ALA B 156 20.71 -2.25 18.78
N LYS B 157 21.17 -3.50 18.99
CA LYS B 157 22.56 -3.77 19.31
C LYS B 157 23.50 -3.34 18.19
N LEU B 158 23.19 -3.74 16.97
CA LEU B 158 24.10 -3.45 15.89
C LEU B 158 24.08 -1.99 15.52
N SER B 159 23.03 -1.28 15.94
CA SER B 159 22.99 0.18 15.77
C SER B 159 23.82 0.90 16.82
N GLY B 160 24.31 0.19 17.84
CA GLY B 160 25.11 0.81 18.91
C GLY B 160 24.30 1.11 20.16
N ALA B 161 22.99 0.82 20.15
CA ALA B 161 22.14 1.09 21.30
C ALA B 161 22.28 -0.04 22.33
N SER B 162 21.75 0.18 23.54
CA SER B 162 21.73 -0.86 24.59
C SER B 162 20.31 -1.46 24.66
N PRO B 163 20.08 -2.61 24.05
CA PRO B 163 18.70 -3.12 24.03
C PRO B 163 18.28 -3.56 25.40
N THR B 164 17.02 -3.27 25.72
CA THR B 164 16.41 -3.62 27.00
C THR B 164 15.11 -4.36 26.67
N PRO B 165 15.10 -5.69 26.69
CA PRO B 165 13.85 -6.43 26.39
C PRO B 165 12.87 -6.35 27.53
N MET B 166 11.60 -6.10 27.20
CA MET B 166 10.58 -6.10 28.22
C MET B 166 9.24 -6.29 27.54
N SER B 167 8.31 -6.79 28.30
CA SER B 167 7.02 -7.05 27.68
C SER B 167 6.30 -5.75 27.27
N PHE B 168 5.46 -5.91 26.26
CA PHE B 168 4.69 -4.83 25.68
C PHE B 168 3.92 -4.07 26.73
N SER B 169 3.34 -4.79 27.71
CA SER B 169 2.47 -4.13 28.67
C SER B 169 3.21 -3.17 29.58
N GLU B 170 4.52 -3.31 29.70
CA GLU B 170 5.32 -2.47 30.60
C GLU B 170 5.91 -1.23 29.94
N VAL B 171 5.81 -1.09 28.61
CA VAL B 171 6.57 -0.08 27.88
C VAL B 171 6.16 1.35 28.29
N TYR B 172 4.86 1.65 28.34
CA TYR B 172 4.46 3.02 28.62
C TYR B 172 5.07 3.49 29.95
N LEU B 173 4.95 2.68 31.00
CA LEU B 173 5.45 3.10 32.30
C LEU B 173 6.97 3.17 32.29
N ALA B 174 7.62 2.30 31.52
CA ALA B 174 9.07 2.38 31.43
C ALA B 174 9.49 3.65 30.73
N LEU B 175 8.74 4.10 29.70
CA LEU B 175 9.10 5.38 29.05
C LEU B 175 8.84 6.57 29.97
N GLN B 176 7.69 6.54 30.64
CA GLN B 176 7.24 7.67 31.43
C GLN B 176 8.15 7.93 32.62
N THR B 177 8.74 6.88 33.19
CA THR B 177 9.70 6.99 34.30
C THR B 177 11.15 7.06 33.82
N ASN B 178 11.35 7.06 32.51
CA ASN B 178 12.66 7.09 31.85
C ASN B 178 13.57 5.96 32.41
N ALA B 179 12.92 4.85 32.77
CA ALA B 179 13.65 3.59 32.91
C ALA B 179 14.31 3.17 31.59
N VAL B 180 13.72 3.51 30.46
CA VAL B 180 14.33 3.30 29.16
C VAL B 180 14.16 4.62 28.43
N ASP B 181 14.97 4.82 27.39
CA ASP B 181 14.96 6.07 26.61
C ASP B 181 14.03 6.03 25.38
N GLY B 182 13.69 4.84 24.89
CA GLY B 182 13.00 4.79 23.62
C GLY B 182 12.45 3.39 23.41
N GLN B 183 11.71 3.25 22.34
CA GLN B 183 11.10 1.96 21.97
C GLN B 183 10.96 1.95 20.44
N GLU B 184 10.53 0.83 19.89
CA GLU B 184 10.36 0.71 18.42
C GLU B 184 9.07 -0.06 18.13
N ASN B 185 8.31 0.40 17.15
CA ASN B 185 6.92 -0.10 16.86
C ASN B 185 6.38 0.59 15.65
N PRO B 186 5.39 0.02 15.00
CA PRO B 186 4.73 0.71 13.89
C PRO B 186 3.92 1.92 14.42
N LEU B 187 3.66 2.88 13.53
CA LEU B 187 3.01 4.12 13.96
C LEU B 187 1.63 3.85 14.58
N PRO B 188 0.79 2.98 14.06
CA PRO B 188 -0.53 2.82 14.73
C PRO B 188 -0.44 2.36 16.16
N THR B 189 0.52 1.47 16.41
CA THR B 189 0.76 1.00 17.77
C THR B 189 1.22 2.17 18.65
N ILE B 190 2.15 2.98 18.13
CA ILE B 190 2.62 4.11 18.89
C ILE B 190 1.46 5.03 19.22
N LYS B 191 0.52 5.16 18.28
CA LYS B 191 -0.63 6.01 18.58
C LYS B 191 -1.52 5.37 19.63
N THR B 192 -1.95 4.10 19.41
CA THR B 192 -2.92 3.41 20.27
C THR B 192 -2.42 3.29 21.69
N MET B 193 -1.16 2.93 21.81
CA MET B 193 -0.51 2.79 23.10
C MET B 193 -0.14 4.13 23.70
N LYS B 194 -0.29 5.22 23.04
CA LYS B 194 0.01 6.54 23.60
C LYS B 194 1.53 6.66 23.95
N PHE B 195 2.40 5.93 23.27
CA PHE B 195 3.82 6.18 23.50
C PHE B 195 4.27 7.59 23.07
N TYR B 196 3.56 8.23 22.12
CA TYR B 196 3.88 9.62 21.76
C TYR B 196 3.60 10.63 22.87
N GLU B 197 2.80 10.29 23.89
CA GLU B 197 2.67 11.15 25.07
C GLU B 197 3.92 11.19 25.93
N VAL B 198 4.79 10.19 25.83
CA VAL B 198 6.00 10.12 26.67
C VAL B 198 7.27 9.98 25.81
N GLN B 199 7.20 10.29 24.53
CA GLN B 199 8.42 10.29 23.68
C GLN B 199 8.40 11.53 22.83
N LYS B 200 9.45 12.34 22.89
CA LYS B 200 9.48 13.61 22.17
C LYS B 200 9.87 13.44 20.70
N ASN B 201 10.54 12.33 20.35
CA ASN B 201 11.12 12.17 19.02
C ASN B 201 10.68 10.86 18.38
N LEU B 202 10.53 10.88 17.06
CA LEU B 202 10.18 9.73 16.22
C LEU B 202 11.17 9.71 15.07
N ALA B 203 11.88 8.57 14.88
CA ALA B 203 12.86 8.45 13.80
C ALA B 203 12.31 7.45 12.79
N MET B 204 12.29 7.85 11.51
CA MET B 204 11.76 6.92 10.50
C MET B 204 12.86 5.94 10.07
N THR B 205 13.05 4.92 10.91
CA THR B 205 14.09 3.92 10.69
C THR B 205 13.64 2.78 9.81
N HIS B 206 12.33 2.59 9.66
CA HIS B 206 11.74 1.54 8.79
C HIS B 206 12.46 0.19 8.90
N HIS B 207 12.81 -0.24 10.11
CA HIS B 207 13.84 -1.28 10.23
C HIS B 207 13.28 -2.72 10.14
N ILE B 208 12.02 -2.94 10.49
CA ILE B 208 11.38 -4.25 10.37
C ILE B 208 9.94 -4.03 9.93
N VAL B 209 9.57 -4.69 8.84
N VAL B 209 9.53 -4.73 8.90
CA VAL B 209 8.18 -4.72 8.39
CA VAL B 209 8.15 -4.62 8.45
C VAL B 209 7.45 -5.83 9.16
C VAL B 209 7.37 -5.81 9.06
N ASN B 210 6.32 -5.52 9.82
CA ASN B 210 5.57 -6.56 10.55
C ASN B 210 4.38 -6.99 9.72
N ASP B 211 4.27 -8.29 9.47
CA ASP B 211 3.01 -8.85 8.99
C ASP B 211 2.23 -9.23 10.25
N GLN B 212 1.22 -10.08 10.11
CA GLN B 212 0.37 -10.44 11.23
C GLN B 212 -0.41 -11.64 10.74
N MET B 213 0.13 -12.84 10.96
CA MET B 213 -0.61 -14.04 10.54
C MET B 213 -1.76 -14.27 11.49
N VAL B 214 -2.87 -14.68 10.95
CA VAL B 214 -3.98 -15.13 11.74
C VAL B 214 -3.83 -16.63 11.78
N ILE B 215 -3.61 -17.17 12.96
CA ILE B 215 -3.32 -18.59 13.12
C ILE B 215 -4.48 -19.23 13.82
N ILE B 216 -4.96 -20.36 13.29
CA ILE B 216 -5.92 -21.17 14.02
C ILE B 216 -5.26 -22.47 14.40
N SER B 217 -5.60 -22.99 15.59
CA SER B 217 -5.05 -24.28 15.98
CA SER B 217 -5.01 -24.27 15.95
C SER B 217 -5.61 -25.38 15.09
N GLU B 218 -4.78 -26.35 14.72
CA GLU B 218 -5.23 -27.36 13.78
C GLU B 218 -6.20 -28.32 14.43
N SER B 219 -6.07 -28.55 15.73
CA SER B 219 -7.04 -29.40 16.41
C SER B 219 -8.40 -28.73 16.43
N THR B 220 -8.45 -27.41 16.57
CA THR B 220 -9.74 -26.75 16.43
C THR B 220 -10.21 -26.81 14.99
N TRP B 221 -9.32 -26.56 14.03
CA TRP B 221 -9.74 -26.54 12.62
C TRP B 221 -10.44 -27.82 12.26
N GLN B 222 -9.84 -28.94 12.66
CA GLN B 222 -10.37 -30.25 12.30
C GLN B 222 -11.64 -30.66 13.05
N LYS B 223 -12.05 -29.89 14.06
CA LYS B 223 -13.36 -30.07 14.67
C LYS B 223 -14.43 -29.21 14.01
N LEU B 224 -14.08 -28.23 13.19
CA LEU B 224 -15.09 -27.44 12.47
C LEU B 224 -15.59 -28.15 11.19
N SER B 225 -16.87 -27.96 10.89
CA SER B 225 -17.36 -28.36 9.57
C SER B 225 -16.66 -27.61 8.43
N ASP B 226 -16.58 -28.26 7.26
CA ASP B 226 -15.94 -27.58 6.12
C ASP B 226 -16.69 -26.31 5.69
N THR B 227 -18.00 -26.25 5.98
CA THR B 227 -18.72 -24.99 5.81
C THR B 227 -18.13 -23.92 6.71
N ASP B 228 -18.01 -24.20 8.02
CA ASP B 228 -17.44 -23.21 8.95
C ASP B 228 -16.03 -22.82 8.55
N LYS B 229 -15.24 -23.82 8.12
CA LYS B 229 -13.90 -23.52 7.64
C LYS B 229 -13.95 -22.50 6.51
N ASP B 230 -14.88 -22.69 5.59
CA ASP B 230 -14.95 -21.76 4.47
C ASP B 230 -15.38 -20.36 4.94
N ILE B 231 -16.38 -20.30 5.84
CA ILE B 231 -16.82 -19.03 6.39
C ILE B 231 -15.65 -18.33 7.07
N ILE B 232 -14.88 -19.07 7.89
CA ILE B 232 -13.77 -18.45 8.61
C ILE B 232 -12.72 -17.97 7.63
N GLN B 233 -12.34 -18.82 6.67
CA GLN B 233 -11.34 -18.42 5.69
C GLN B 233 -11.78 -17.19 4.91
N LYS B 234 -13.02 -17.15 4.46
CA LYS B 234 -13.49 -15.95 3.74
C LYS B 234 -13.54 -14.74 4.67
N ALA B 235 -14.03 -14.92 5.88
CA ALA B 235 -14.09 -13.75 6.75
C ALA B 235 -12.70 -13.22 7.05
N VAL B 236 -11.75 -14.13 7.31
CA VAL B 236 -10.39 -13.70 7.67
C VAL B 236 -9.78 -12.90 6.52
N GLN B 237 -10.04 -13.32 5.30
CA GLN B 237 -9.43 -12.64 4.13
C GLN B 237 -10.05 -11.26 3.90
N LYS B 238 -11.35 -11.12 4.13
CA LYS B 238 -12.02 -9.84 3.89
C LYS B 238 -11.59 -8.84 4.95
N VAL B 239 -11.63 -9.25 6.21
CA VAL B 239 -11.18 -8.36 7.31
C VAL B 239 -9.68 -8.04 7.12
N GLY B 240 -8.92 -8.98 6.56
CA GLY B 240 -7.51 -8.70 6.35
C GLY B 240 -7.29 -7.62 5.30
N ASP B 241 -8.12 -7.62 4.26
CA ASP B 241 -8.06 -6.50 3.34
C ASP B 241 -8.32 -5.18 4.06
N ALA B 242 -9.33 -5.14 4.92
CA ALA B 242 -9.62 -3.91 5.70
C ALA B 242 -8.47 -3.57 6.63
N HIS B 243 -7.93 -4.60 7.35
CA HIS B 243 -6.85 -4.33 8.32
C HIS B 243 -5.64 -3.73 7.60
N THR B 244 -5.21 -4.38 6.52
CA THR B 244 -4.03 -3.94 5.79
C THR B 244 -4.21 -2.52 5.25
N GLN B 245 -5.40 -2.25 4.72
CA GLN B 245 -5.69 -0.92 4.20
C GLN B 245 -5.70 0.12 5.31
N THR B 246 -6.34 -0.21 6.44
CA THR B 246 -6.35 0.71 7.57
C THR B 246 -4.95 1.05 8.04
N VAL B 247 -4.15 0.00 8.26
CA VAL B 247 -2.78 0.21 8.73
C VAL B 247 -2.03 1.12 7.78
N LYS B 248 -2.16 0.83 6.47
CA LYS B 248 -1.45 1.61 5.45
C LYS B 248 -1.87 3.07 5.53
N THR B 249 -3.19 3.29 5.60
CA THR B 249 -3.77 4.64 5.69
C THR B 249 -3.26 5.38 6.94
N GLN B 250 -3.26 4.68 8.05
CA GLN B 250 -2.91 5.36 9.32
C GLN B 250 -1.42 5.70 9.35
N GLU B 251 -0.57 4.81 8.85
CA GLU B 251 0.88 5.04 8.95
C GLU B 251 1.18 6.35 8.24
N ALA B 252 0.65 6.47 7.05
CA ALA B 252 0.84 7.70 6.27
C ALA B 252 0.32 8.90 7.04
N GLU B 253 -0.89 8.85 7.56
CA GLU B 253 -1.52 9.99 8.22
C GLU B 253 -0.88 10.33 9.56
N LEU B 254 -0.34 9.35 10.28
CA LEU B 254 0.05 9.62 11.65
C LEU B 254 1.30 10.48 11.75
N VAL B 255 2.13 10.54 10.71
CA VAL B 255 3.27 11.47 10.77
C VAL B 255 2.75 12.88 10.96
N SER B 256 1.73 13.26 10.19
CA SER B 256 1.09 14.56 10.35
C SER B 256 0.50 14.73 11.76
N PHE B 257 -0.17 13.70 12.27
CA PHE B 257 -0.71 13.75 13.63
C PHE B 257 0.41 13.99 14.66
N PHE B 258 1.47 13.19 14.58
CA PHE B 258 2.51 13.29 15.60
C PHE B 258 3.17 14.66 15.54
N LYS B 259 3.40 15.17 14.34
CA LYS B 259 3.95 16.52 14.25
C LYS B 259 3.03 17.55 14.89
N SER B 260 1.72 17.46 14.65
CA SER B 260 0.79 18.40 15.26
C SER B 260 0.77 18.27 16.78
N GLU B 261 1.19 17.14 17.32
CA GLU B 261 1.29 16.97 18.76
C GLU B 261 2.65 17.38 19.30
N GLY B 262 3.53 17.95 18.45
CA GLY B 262 4.81 18.47 18.92
C GLY B 262 5.92 17.45 18.90
N ILE B 263 5.71 16.30 18.25
CA ILE B 263 6.77 15.32 18.16
C ILE B 263 7.77 15.75 17.11
N ASN B 264 9.06 15.56 17.39
CA ASN B 264 10.11 15.85 16.41
C ASN B 264 10.35 14.59 15.58
N VAL B 265 10.04 14.66 14.29
CA VAL B 265 10.14 13.51 13.41
C VAL B 265 11.43 13.66 12.63
N THR B 266 12.27 12.65 12.69
CA THR B 266 13.52 12.65 11.91
C THR B 266 13.53 11.54 10.89
N TYR B 267 14.40 11.74 9.84
CA TYR B 267 14.49 10.79 8.72
C TYR B 267 15.95 10.46 8.53
N PRO B 268 16.51 9.64 9.39
CA PRO B 268 17.93 9.33 9.29
C PRO B 268 18.25 8.60 8.01
N ASP B 269 19.44 8.82 7.51
CA ASP B 269 19.93 8.05 6.38
CA ASP B 269 19.93 8.05 6.38
C ASP B 269 19.92 6.58 6.75
N LEU B 270 19.28 5.75 5.91
CA LEU B 270 19.17 4.35 6.29
C LEU B 270 20.30 3.49 5.78
N GLU B 271 21.06 3.96 4.80
CA GLU B 271 22.13 3.11 4.25
C GLU B 271 23.08 2.71 5.40
N PRO B 272 23.48 3.59 6.35
CA PRO B 272 24.39 3.09 7.40
C PRO B 272 23.77 2.02 8.29
N PHE B 273 22.45 2.04 8.48
CA PHE B 273 21.79 1.00 9.24
C PHE B 273 21.88 -0.33 8.49
N ARG B 274 21.63 -0.31 7.18
CA ARG B 274 21.74 -1.53 6.41
C ARG B 274 23.17 -2.07 6.47
N GLU B 275 24.17 -1.18 6.32
CA GLU B 275 25.55 -1.61 6.40
C GLU B 275 25.83 -2.23 7.75
N ALA B 276 25.24 -1.66 8.81
CA ALA B 276 25.53 -2.17 10.15
C ALA B 276 24.92 -3.54 10.32
N MET B 277 23.95 -3.91 9.48
CA MET B 277 23.38 -5.21 9.72
C MET B 277 24.10 -6.30 8.95
N GLN B 278 25.05 -5.95 8.07
CA GLN B 278 25.71 -6.95 7.22
C GLN B 278 26.34 -8.09 8.03
N PRO B 279 27.05 -7.86 9.12
CA PRO B 279 27.57 -8.99 9.89
C PRO B 279 26.48 -9.92 10.39
N LEU B 280 25.30 -9.38 10.70
CA LEU B 280 24.17 -10.20 11.08
C LEU B 280 23.67 -11.06 9.92
N TYR B 281 23.64 -10.54 8.71
CA TYR B 281 23.13 -11.37 7.60
C TYR B 281 24.15 -12.48 7.34
N LYS B 282 25.42 -12.13 7.45
CA LYS B 282 26.49 -13.11 7.15
C LYS B 282 26.50 -14.19 8.20
N GLU B 283 26.30 -13.82 9.45
CA GLU B 283 26.25 -14.81 10.52
C GLU B 283 25.06 -15.75 10.38
N PHE B 284 23.89 -15.19 10.08
CA PHE B 284 22.70 -16.01 9.85
C PHE B 284 22.93 -17.02 8.74
N ASP B 285 23.37 -16.55 7.57
CA ASP B 285 23.63 -17.44 6.45
C ASP B 285 24.66 -18.49 6.82
N SER B 286 25.74 -18.06 7.48
CA SER B 286 26.82 -18.95 7.92
C SER B 286 26.28 -20.06 8.80
N ASN B 287 25.44 -19.71 9.76
CA ASN B 287 25.05 -20.66 10.78
C ASN B 287 24.11 -21.71 10.20
N ILE B 288 23.24 -21.30 9.29
CA ILE B 288 22.29 -22.24 8.70
C ILE B 288 22.83 -22.89 7.45
N GLY B 289 23.92 -22.38 6.89
CA GLY B 289 24.60 -23.04 5.80
C GLY B 289 23.89 -22.92 4.47
N GLN B 290 23.05 -21.91 4.31
CA GLN B 290 22.28 -21.62 3.12
C GLN B 290 22.28 -20.11 2.95
N PRO B 291 22.27 -19.61 1.70
CA PRO B 291 22.29 -18.16 1.48
C PRO B 291 20.89 -17.56 1.61
N ILE B 292 20.17 -17.97 2.65
CA ILE B 292 18.79 -17.53 2.83
C ILE B 292 18.60 -16.03 2.78
N VAL B 293 19.46 -15.25 3.42
CA VAL B 293 19.21 -13.81 3.44
C VAL B 293 19.25 -13.28 2.01
N SER B 294 20.30 -13.64 1.28
CA SER B 294 20.40 -13.19 -0.09
C SER B 294 19.17 -13.59 -0.90
N LYS B 295 18.67 -14.81 -0.69
CA LYS B 295 17.57 -15.26 -1.52
C LYS B 295 16.22 -14.64 -1.11
N LEU B 296 15.98 -14.45 0.19
CA LEU B 296 14.76 -13.76 0.58
C LEU B 296 14.77 -12.32 0.08
N ALA B 297 15.93 -11.69 0.14
CA ALA B 297 16.02 -10.28 -0.25
CA ALA B 297 16.02 -10.28 -0.25
C ALA B 297 15.70 -10.10 -1.73
N ALA B 298 15.94 -11.12 -2.54
CA ALA B 298 15.65 -11.05 -3.97
C ALA B 298 14.25 -11.53 -4.36
N MET B 299 13.46 -12.08 -3.44
CA MET B 299 12.12 -12.51 -3.81
C MET B 299 11.18 -11.37 -4.17
C1 SLB C . 0.67 7.63 -19.78
C2 SLB C . -0.70 7.35 -18.93
C3 SLB C . -1.53 6.53 -19.88
C4 SLB C . -2.88 6.59 -19.20
C5 SLB C . -3.30 8.11 -19.06
C6 SLB C . -2.35 8.78 -18.11
C7 SLB C . -2.73 10.26 -17.87
C8 SLB C . -1.61 10.87 -17.00
C9 SLB C . -1.95 12.31 -16.65
C10 SLB C . -5.75 8.43 -19.10
C11 SLB C . -7.10 8.45 -18.37
N5 SLB C . -4.64 8.12 -18.39
O1A SLB C . 1.70 7.09 -19.35
O1B SLB C . 0.64 8.36 -20.82
O2 SLB C . -0.33 6.66 -17.84
O4 SLB C . -3.84 5.83 -19.98
O6 SLB C . -1.02 8.70 -18.73
O7 SLB C . -2.80 10.93 -19.14
O8 SLB C . -1.43 10.10 -15.78
O9 SLB C . -3.16 12.35 -15.82
O10 SLB C . -5.72 8.69 -20.32
C1 GOL D . 15.89 19.03 -18.17
O1 GOL D . 17.05 18.98 -17.34
C2 GOL D . 15.44 20.47 -18.40
O2 GOL D . 14.71 20.58 -19.63
C3 GOL D . 14.63 21.04 -17.26
O3 GOL D . 13.37 21.53 -17.72
C1 GOL E . 3.55 13.85 3.16
O1 GOL E . 4.37 12.72 2.91
C2 GOL E . 3.70 14.75 1.93
O2 GOL E . 2.54 15.46 1.64
C3 GOL E . 4.93 15.66 2.23
O3 GOL E . 6.02 14.89 1.81
C1 GOL F . -10.88 -7.49 -15.37
O1 GOL F . -9.78 -7.11 -16.22
C2 GOL F . -11.92 -6.29 -15.32
O2 GOL F . -11.37 -5.06 -15.65
C3 GOL F . -12.32 -6.21 -13.88
O3 GOL F . -13.34 -5.25 -13.91
C1 GOL G . 21.88 14.37 -8.51
O1 GOL G . 22.12 15.78 -8.46
C2 GOL G . 22.56 13.68 -7.28
O2 GOL G . 22.92 14.61 -6.28
C3 GOL G . 23.81 12.98 -7.87
O3 GOL G . 23.53 11.68 -8.48
C1 GOL H . 3.60 23.53 -10.89
O1 GOL H . 3.20 22.49 -10.12
C2 GOL H . 5.05 23.46 -10.90
O2 GOL H . 5.51 22.43 -11.66
C3 GOL H . 5.53 24.84 -11.36
O3 GOL H . 6.89 24.84 -10.95
C1 GOL I . 4.47 13.43 -28.21
O1 GOL I . 4.96 13.30 -29.51
C2 GOL I . 3.67 14.78 -28.11
O2 GOL I . 2.44 14.57 -27.47
C3 GOL I . 4.59 15.81 -27.36
O3 GOL I . 4.33 17.09 -27.93
C1 GOL J . 22.19 -6.75 -10.56
O1 GOL J . 21.12 -6.78 -11.47
C2 GOL J . 22.20 -5.31 -9.98
O2 GOL J . 21.45 -4.43 -10.76
C3 GOL J . 23.67 -4.92 -9.93
O3 GOL J . 24.15 -5.37 -8.69
C1 GOL K . 25.32 -7.34 -11.86
O1 GOL K . 25.68 -7.28 -10.48
C2 GOL K . 26.58 -7.62 -12.72
O2 GOL K . 26.27 -7.66 -14.09
C3 GOL K . 27.56 -6.47 -12.40
O3 GOL K . 28.21 -6.75 -11.12
C1 PGE L . 15.77 -4.95 -22.96
O1 PGE L . 17.17 -5.11 -23.17
C2 PGE L . 15.51 -5.06 -21.48
O2 PGE L . 14.59 -6.10 -21.15
C3 PGE L . 15.13 -6.93 -20.16
C4 PGE L . 14.08 -7.84 -19.61
O4 PGE L . 17.52 -11.05 -19.31
C6 PGE L . 16.78 -10.06 -18.58
C5 PGE L . 15.51 -9.75 -19.36
O3 PGE L . 14.77 -8.71 -18.72
C1 SLB M . 5.85 -5.22 21.09
C2 SLB M . 4.97 -5.75 19.82
C3 SLB M . 3.59 -5.80 20.34
C4 SLB M . 2.83 -6.55 19.23
C5 SLB M . 3.50 -7.92 19.13
C6 SLB M . 4.96 -7.74 18.60
C7 SLB M . 5.72 -9.10 18.47
C8 SLB M . 7.17 -8.77 18.03
C9 SLB M . 7.94 -10.07 17.79
C10 SLB M . 1.97 -9.82 18.62
C11 SLB M . 1.31 -10.58 17.47
N5 SLB M . 2.77 -8.79 18.19
O1A SLB M . 6.01 -5.90 22.20
O1B SLB M . 6.36 -4.08 20.87
O2 SLB M . 5.16 -4.88 18.82
O4 SLB M . 1.46 -6.75 19.65
O6 SLB M . 5.63 -7.00 19.67
O7 SLB M . 5.65 -9.81 19.73
O8 SLB M . 7.14 -7.94 16.85
O9 SLB M . 7.22 -10.74 16.70
O10 SLB M . 1.74 -10.18 19.80
C1 GOL N . 30.84 -2.85 11.45
O1 GOL N . 31.51 -1.81 10.82
C2 GOL N . 29.59 -3.14 10.63
O2 GOL N . 29.77 -4.12 9.70
C3 GOL N . 29.16 -1.79 9.99
O3 GOL N . 28.95 -2.04 8.65
C1 GOL O . -18.44 -29.80 13.78
O1 GOL O . -19.02 -30.13 15.04
C2 GOL O . -18.64 -30.92 12.78
O2 GOL O . -17.39 -31.33 12.23
C3 GOL O . -19.62 -30.57 11.68
O3 GOL O . -20.90 -30.29 12.19
C1 GOL P . -13.98 1.31 16.16
O1 GOL P . -12.97 0.35 15.91
C2 GOL P . -15.19 0.70 16.84
O2 GOL P . -15.17 0.99 18.23
C3 GOL P . -15.34 -0.78 16.62
O3 GOL P . -16.30 -1.34 17.50
C1 GOL Q . -14.62 -26.12 18.67
O1 GOL Q . -13.27 -26.53 18.61
C2 GOL Q . -15.45 -27.42 18.84
O2 GOL Q . -16.53 -27.47 17.98
C3 GOL Q . -15.86 -27.43 20.34
O3 GOL Q . -16.55 -28.63 20.56
C1 GOL R . -6.32 -23.62 -4.18
O1 GOL R . -5.08 -22.96 -4.20
C2 GOL R . -6.02 -25.11 -3.91
O2 GOL R . -5.49 -25.74 -5.02
C3 GOL R . -7.36 -25.71 -3.46
O3 GOL R . -7.77 -24.95 -2.35
C1 GOL S . 15.50 18.30 14.28
O1 GOL S . 14.73 19.17 15.06
C2 GOL S . 16.12 17.23 15.24
O2 GOL S . 16.41 16.23 14.61
C3 GOL S . 17.02 17.89 16.24
O3 GOL S . 18.26 17.50 16.10
C1 GOL T . -7.17 9.09 15.10
O1 GOL T . -6.12 8.13 14.85
C2 GOL T . -6.49 10.38 15.73
O2 GOL T . -7.36 11.46 15.90
C3 GOL T . -5.32 10.73 14.78
O3 GOL T . -5.95 11.28 13.66
C1 GOL U . 4.93 -1.58 3.71
O1 GOL U . 4.11 -1.60 2.66
C2 GOL U . 6.19 -0.64 3.44
O2 GOL U . 7.33 -1.02 4.16
C3 GOL U . 5.80 0.83 3.60
O3 GOL U . 6.81 1.43 4.41
C1 GOL V . -4.40 7.65 20.88
O1 GOL V . -5.00 8.73 20.26
C2 GOL V . -5.31 6.45 20.61
O2 GOL V . -6.09 6.66 19.48
C3 GOL V . -6.15 6.35 21.87
O3 GOL V . -6.39 5.00 22.08
C1 GOL W . -22.08 -7.83 21.11
O1 GOL W . -23.18 -7.20 20.56
C2 GOL W . -20.80 -7.21 20.48
O2 GOL W . -20.43 -7.84 19.31
C3 GOL W . -21.10 -5.66 20.32
O3 GOL W . -22.00 -5.51 19.26
C1 GOL X . -20.65 -12.70 22.13
O1 GOL X . -21.52 -13.81 22.18
C2 GOL X . -19.17 -13.22 22.37
O2 GOL X . -18.38 -12.27 22.99
C3 GOL X . -19.29 -14.47 23.22
O3 GOL X . -19.34 -14.03 24.54
C1 GOL Y . -9.97 -2.39 10.82
O1 GOL Y . -9.53 -2.77 12.14
C2 GOL Y . -10.94 -1.20 11.02
O2 GOL Y . -10.28 -0.04 11.35
C3 GOL Y . -11.97 -1.66 12.14
O3 GOL Y . -12.10 -0.61 13.08
C1 GOL Z . 18.48 12.30 33.64
O1 GOL Z . 17.50 12.11 32.65
C2 GOL Z . 19.25 10.97 33.78
O2 GOL Z . 20.54 11.13 34.37
C3 GOL Z . 19.36 10.51 32.34
O3 GOL Z . 18.81 9.26 32.22
C1 GOL AA . -6.37 -28.52 29.87
O1 GOL AA . -7.81 -28.31 29.94
C2 GOL AA . -5.90 -28.81 28.42
O2 GOL AA . -5.16 -29.96 28.27
C3 GOL AA . -5.01 -27.64 28.01
O3 GOL AA . -4.95 -27.75 26.57
C1 GOL BA . -35.23 -15.63 9.30
O1 GOL BA . -35.95 -16.70 8.77
C2 GOL BA . -33.82 -16.17 9.67
O2 GOL BA . -33.06 -15.24 10.38
C3 GOL BA . -33.16 -16.58 8.31
O3 GOL BA . -31.87 -16.05 8.27
C1 PGE CA . 8.59 15.69 29.17
O1 PGE CA . 7.72 16.18 30.17
C2 PGE CA . 7.75 15.40 27.95
O2 PGE CA . 8.00 14.06 27.57
C3 PGE CA . 7.14 13.58 26.57
C4 PGE CA . 7.28 14.37 25.30
O4 PGE CA . 5.55 16.96 22.44
C6 PGE CA . 5.92 16.27 23.64
C5 PGE CA . 6.08 14.80 23.35
O3 PGE CA . 6.16 14.00 24.53
C2 BGC DA . 23.76 7.21 27.56
C3 BGC DA . 22.52 6.47 27.89
C4 BGC DA . 21.41 7.45 27.72
C5 BGC DA . 21.18 7.72 26.19
C6 BGC DA . 19.78 8.18 25.79
C1 BGC DA . 23.58 7.76 26.14
O1 BGC DA . 24.54 8.64 25.92
O2 BGC DA . 24.95 6.39 27.61
O3 BGC DA . 22.66 6.00 29.24
O4 BGC DA . 20.23 7.05 28.44
O5 BGC DA . 22.33 8.54 25.84
O6 BGC DA . 18.96 9.32 26.18
#